data_3VYF
#
_entry.id   3VYF
#
_cell.length_a   141.427
_cell.length_b   141.427
_cell.length_c   141.427
_cell.angle_alpha   90.000
_cell.angle_beta   90.000
_cell.angle_gamma   90.000
#
_symmetry.space_group_name_H-M   'P 21 3'
#
loop_
_entity.id
_entity.type
_entity.pdbx_description
1 polymer Renin
2 non-polymer 2-acetamido-2-deoxy-beta-D-glucopyranose
3 non-polymer (3S,5R)-5-[4-(2-chlorophenyl)-2,2-dimethyl-5-oxopiperazin-1-yl]-N-(2,6-dimethylheptan-4-yl)piperidine-3-carboxamide
4 water water
#
_entity_poly.entity_id   1
_entity_poly.type   'polypeptide(L)'
_entity_poly.pdbx_seq_one_letter_code
;LTLGNTTSSVILTNYMDTQYYGEIGIGTPPQTFKVVFDTGSSNVWVPSSKCSRLYTACVYHKLFDASDSSSYKHNGTELT
LRYSTGTVSGFLSQDIITVGGITVTQMFGEVTEMPALPFMLAEFDGVVGMGFIEQAIGRVTPIFDNIISQGVLKEDVFSF
YYNRDSENSQSLGGQIVLGGSDPQHYEGNFHYINLIKTGVWQIQMKGVSVGSSTLLCEDGCLALVDTGASYISGSTSSIE
KLMEALGAKKRLFDYVVKCNEGPTLPDISFHLGGKEYTLTSADYVFQESYSSKKLCTLAIHAMDIPPPTGPTWALGATFI
RKFYTEFDRRNNRIGFALAR
;
_entity_poly.pdbx_strand_id   A,B
#
loop_
_chem_comp.id
_chem_comp.type
_chem_comp.name
_chem_comp.formula
NAG D-saccharide, beta linking 2-acetamido-2-deoxy-beta-D-glucopyranose 'C8 H15 N O6'
VYF non-polymer (3S,5R)-5-[4-(2-chlorophenyl)-2,2-dimethyl-5-oxopiperazin-1-yl]-N-(2,6-dimethylheptan-4-yl)piperidine-3-carboxamide 'C27 H43 Cl N4 O2'
#
# COMPACT_ATOMS: atom_id res chain seq x y z
N LEU A 1 4.39 34.08 16.89
CA LEU A 1 4.39 33.17 15.70
C LEU A 1 4.25 33.92 14.39
N THR A 2 5.34 33.99 13.62
CA THR A 2 5.32 34.67 12.34
C THR A 2 5.21 33.63 11.23
N LEU A 3 4.23 33.81 10.35
CA LEU A 3 4.05 32.87 9.26
C LEU A 3 4.34 33.54 7.92
N GLY A 4 5.15 32.89 7.09
CA GLY A 4 5.50 33.42 5.79
C GLY A 4 4.70 32.72 4.71
N ASN A 5 5.34 32.35 3.61
CA ASN A 5 4.64 31.67 2.53
C ASN A 5 5.38 30.41 2.10
N THR A 6 6.62 30.27 2.55
CA THR A 6 7.46 29.12 2.19
C THR A 6 7.09 27.77 2.81
N THR A 7 7.06 26.75 1.96
CA THR A 7 6.82 25.38 2.38
C THR A 7 8.01 24.69 1.76
N SER A 8 8.62 23.76 2.49
CA SER A 8 9.79 23.08 1.95
C SER A 8 9.57 21.58 2.01
N SER A 9 10.33 20.84 1.24
CA SER A 9 10.19 19.40 1.25
C SER A 9 11.53 18.72 1.29
N VAL A 10 11.58 17.58 1.96
CA VAL A 10 12.81 16.81 2.04
C VAL A 10 12.50 15.46 1.43
N ILE A 11 13.22 15.11 0.37
CA ILE A 11 13.00 13.83 -0.27
C ILE A 11 13.65 12.78 0.60
N LEU A 12 12.89 11.73 0.92
CA LEU A 12 13.40 10.66 1.75
C LEU A 12 13.66 9.41 0.90
N THR A 13 14.60 8.59 1.36
CA THR A 13 14.93 7.35 0.69
C THR A 13 14.41 6.23 1.57
N ASN A 14 13.81 5.22 0.96
CA ASN A 14 13.25 4.09 1.70
C ASN A 14 14.22 2.90 1.74
N TYR A 15 14.67 2.57 2.94
CA TYR A 15 15.58 1.44 3.16
C TYR A 15 14.84 0.30 3.83
N MET A 16 14.66 -0.80 3.10
CA MET A 16 13.99 -1.99 3.61
C MET A 16 12.64 -1.77 4.31
N ASP A 17 11.97 -0.66 4.03
CA ASP A 17 10.70 -0.35 4.67
C ASP A 17 10.85 -0.06 6.17
N THR A 18 12.07 -0.07 6.67
CA THR A 18 12.28 0.18 8.10
C THR A 18 12.92 1.53 8.40
N GLN A 19 13.80 1.99 7.50
CA GLN A 19 14.48 3.26 7.71
C GLN A 19 14.27 4.27 6.60
N TYR A 20 13.66 5.41 6.93
CA TYR A 20 13.43 6.46 5.94
C TYR A 20 14.33 7.65 6.26
N TYR A 21 15.24 7.98 5.34
CA TYR A 21 16.17 9.07 5.58
C TYR A 21 16.30 10.08 4.45
N GLY A 22 16.83 11.24 4.79
CA GLY A 22 17.03 12.30 3.82
C GLY A 22 18.40 12.92 4.04
N GLU A 23 18.78 13.86 3.19
CA GLU A 23 20.07 14.51 3.33
C GLU A 23 19.95 15.89 3.97
N ILE A 24 20.95 16.24 4.78
CA ILE A 24 21.02 17.56 5.42
C ILE A 24 22.49 17.90 5.24
N GLY A 25 22.84 19.17 5.38
CA GLY A 25 24.23 19.56 5.24
C GLY A 25 24.63 20.39 6.44
N ILE A 26 25.79 20.08 7.02
CA ILE A 26 26.26 20.83 8.19
C ILE A 26 27.61 21.49 7.94
N GLY A 27 27.71 22.76 8.32
CA GLY A 27 28.95 23.49 8.15
C GLY A 27 29.23 24.10 6.79
N THR A 28 30.31 24.86 6.72
CA THR A 28 30.75 25.52 5.48
C THR A 28 32.18 25.12 5.15
N PRO A 29 32.40 24.45 4.01
CA PRO A 29 31.34 24.06 3.07
C PRO A 29 30.48 22.95 3.67
N PRO A 30 29.31 22.69 3.09
CA PRO A 30 28.43 21.65 3.61
C PRO A 30 29.01 20.24 3.61
N GLN A 31 28.85 19.57 4.75
CA GLN A 31 29.27 18.18 4.92
C GLN A 31 27.91 17.48 5.01
N THR A 32 27.60 16.64 4.04
CA THR A 32 26.32 15.96 4.01
C THR A 32 26.20 14.71 4.87
N PHE A 33 24.99 14.50 5.39
CA PHE A 33 24.69 13.37 6.25
C PHE A 33 23.34 12.79 5.89
N LYS A 34 23.18 11.50 6.16
CA LYS A 34 21.90 10.83 5.91
C LYS A 34 21.31 10.79 7.31
N VAL A 35 20.06 11.26 7.45
CA VAL A 35 19.43 11.28 8.76
C VAL A 35 17.96 10.90 8.70
N VAL A 36 17.46 10.32 9.79
CA VAL A 36 16.05 9.96 9.86
C VAL A 36 15.38 11.09 10.64
N PHE A 37 14.12 11.36 10.35
CA PHE A 37 13.40 12.41 11.04
C PHE A 37 12.48 11.74 12.04
N ASP A 38 12.85 11.88 13.30
CA ASP A 38 12.15 11.24 14.40
C ASP A 38 11.27 12.12 15.27
N THR A 39 9.96 11.96 15.15
CA THR A 39 9.02 12.74 15.96
C THR A 39 9.03 12.20 17.39
N GLY A 40 9.74 11.09 17.60
CA GLY A 40 9.81 10.50 18.92
C GLY A 40 10.96 11.02 19.77
N SER A 41 11.66 12.03 19.26
CA SER A 41 12.78 12.64 19.98
C SER A 41 12.94 14.07 19.49
N SER A 42 13.73 14.88 20.19
CA SER A 42 13.89 16.28 19.80
C SER A 42 15.31 16.76 19.56
N ASN A 43 16.30 15.88 19.64
CA ASN A 43 17.67 16.31 19.41
C ASN A 43 18.14 16.00 18.01
N VAL A 44 19.21 16.68 17.61
CA VAL A 44 19.82 16.48 16.31
C VAL A 44 21.24 16.03 16.60
N TRP A 45 21.70 15.02 15.87
CA TRP A 45 23.07 14.55 16.05
C TRP A 45 23.55 13.76 14.84
N VAL A 46 24.86 13.77 14.64
CA VAL A 46 25.50 13.06 13.57
C VAL A 46 26.79 12.56 14.19
N PRO A 47 27.39 11.50 13.61
CA PRO A 47 28.65 11.04 14.22
C PRO A 47 29.78 12.06 14.06
N SER A 48 30.60 12.18 15.10
CA SER A 48 31.72 13.12 15.11
C SER A 48 33.02 12.50 14.60
N SER A 49 33.90 13.33 14.07
CA SER A 49 35.19 12.85 13.57
C SER A 49 36.05 12.57 14.79
N LYS A 50 35.61 13.03 15.95
CA LYS A 50 36.34 12.84 17.19
C LYS A 50 35.93 11.52 17.84
N CYS A 51 35.12 10.75 17.13
CA CYS A 51 34.67 9.46 17.60
C CYS A 51 35.78 8.44 17.42
N SER A 52 36.25 7.85 18.51
CA SER A 52 37.30 6.84 18.47
C SER A 52 36.97 5.81 17.42
N ARG A 53 37.93 5.48 16.58
CA ARG A 53 37.70 4.50 15.53
C ARG A 53 37.56 3.06 16.03
N LEU A 54 37.48 2.90 17.36
CA LEU A 54 37.27 1.59 17.95
C LEU A 54 35.76 1.31 17.92
N TYR A 55 34.99 2.39 17.71
CA TYR A 55 33.56 2.27 17.55
C TYR A 55 33.43 2.03 16.04
N THR A 56 33.32 0.77 15.65
CA THR A 56 33.24 0.43 14.24
C THR A 56 32.13 1.19 13.51
N ALA A 57 31.03 1.48 14.21
CA ALA A 57 29.93 2.22 13.61
C ALA A 57 30.43 3.55 13.06
N CYS A 58 31.37 4.18 13.75
CA CYS A 58 31.91 5.44 13.29
C CYS A 58 32.78 5.23 12.06
N VAL A 59 33.44 4.08 12.00
CA VAL A 59 34.27 3.78 10.84
C VAL A 59 33.38 3.56 9.63
N TYR A 60 32.12 3.18 9.86
CA TYR A 60 31.15 2.94 8.80
C TYR A 60 30.09 4.02 8.57
N HIS A 61 30.42 5.26 8.88
CA HIS A 61 29.50 6.38 8.69
C HIS A 61 30.22 7.70 8.45
N LYS A 62 29.47 8.66 7.92
CA LYS A 62 30.00 10.00 7.64
C LYS A 62 30.27 10.71 8.96
N LEU A 63 31.48 11.21 9.14
CA LEU A 63 31.83 11.90 10.38
C LEU A 63 31.94 13.40 10.18
N PHE A 64 31.31 14.16 11.08
CA PHE A 64 31.35 15.61 10.99
C PHE A 64 32.69 16.10 11.52
N ASP A 65 33.40 16.88 10.70
CA ASP A 65 34.70 17.42 11.08
C ASP A 65 34.61 18.94 11.25
N ALA A 66 34.71 19.40 12.49
CA ALA A 66 34.62 20.82 12.79
C ALA A 66 35.78 21.61 12.23
N SER A 67 36.93 20.94 12.05
CA SER A 67 38.10 21.62 11.52
C SER A 67 37.97 22.02 10.04
N ASP A 68 36.91 21.55 9.39
CA ASP A 68 36.69 21.88 7.99
C ASP A 68 35.53 22.84 7.81
N SER A 69 34.93 23.27 8.91
CA SER A 69 33.81 24.19 8.83
C SER A 69 34.18 25.57 9.35
N SER A 70 33.89 26.60 8.57
CA SER A 70 34.20 27.97 8.96
C SER A 70 33.03 28.63 9.68
N SER A 71 31.92 27.90 9.77
CA SER A 71 30.71 28.40 10.43
C SER A 71 30.55 27.76 11.80
N TYR A 72 31.37 26.75 12.07
CA TYR A 72 31.35 26.04 13.33
C TYR A 72 31.45 26.97 14.54
N LYS A 73 30.73 26.61 15.61
CA LYS A 73 30.76 27.37 16.84
C LYS A 73 30.86 26.39 18.01
N HIS A 74 31.98 26.42 18.71
CA HIS A 74 32.22 25.51 19.83
C HIS A 74 31.31 25.74 21.03
N ASN A 75 31.12 24.68 21.81
CA ASN A 75 30.30 24.72 23.03
C ASN A 75 30.88 23.62 23.91
N GLY A 76 30.77 22.38 23.46
CA GLY A 76 31.34 21.26 24.18
C GLY A 76 30.65 20.60 25.37
N THR A 77 29.50 21.09 25.83
CA THR A 77 28.88 20.43 26.97
C THR A 77 28.50 19.00 26.56
N GLU A 78 28.75 18.05 27.47
CA GLU A 78 28.45 16.65 27.22
C GLU A 78 26.97 16.41 26.90
N LEU A 79 26.72 15.31 26.18
CA LEU A 79 25.36 14.96 25.79
C LEU A 79 25.21 13.46 25.62
N THR A 80 24.11 12.92 26.13
CA THR A 80 23.82 11.48 26.01
C THR A 80 22.34 11.28 25.69
N LEU A 81 22.07 10.58 24.60
CA LEU A 81 20.70 10.31 24.20
C LEU A 81 20.44 8.82 24.43
N ARG A 82 19.55 8.52 25.35
CA ARG A 82 19.22 7.14 25.66
C ARG A 82 17.90 6.78 25.02
N TYR A 83 17.99 6.24 23.81
CA TYR A 83 16.81 5.83 23.06
C TYR A 83 16.37 4.45 23.55
N SER A 84 15.18 4.05 23.12
CA SER A 84 14.61 2.76 23.49
C SER A 84 15.45 1.56 23.10
N THR A 85 16.01 1.62 21.89
CA THR A 85 16.80 0.52 21.36
C THR A 85 18.32 0.67 21.39
N GLY A 86 18.80 1.74 22.01
CA GLY A 86 20.24 1.95 22.07
C GLY A 86 20.58 3.34 22.56
N THR A 87 21.87 3.61 22.75
CA THR A 87 22.30 4.90 23.26
C THR A 87 23.47 5.49 22.47
N VAL A 88 23.53 6.82 22.43
CA VAL A 88 24.64 7.52 21.78
C VAL A 88 25.10 8.61 22.74
N SER A 89 26.36 8.99 22.64
CA SER A 89 26.91 9.99 23.54
C SER A 89 27.98 10.85 22.87
N GLY A 90 28.06 12.11 23.29
CA GLY A 90 29.03 13.02 22.73
C GLY A 90 28.96 14.38 23.39
N PHE A 91 29.10 15.43 22.58
CA PHE A 91 29.05 16.78 23.08
C PHE A 91 28.30 17.68 22.09
N LEU A 92 27.87 18.84 22.58
CA LEU A 92 27.13 19.81 21.80
C LEU A 92 28.02 20.75 20.98
N SER A 93 27.60 21.00 19.75
CA SER A 93 28.29 21.89 18.83
C SER A 93 27.23 22.69 18.06
N GLN A 94 27.64 23.78 17.45
CA GLN A 94 26.74 24.62 16.68
C GLN A 94 27.32 24.92 15.31
N ASP A 95 26.45 25.01 14.33
CA ASP A 95 26.86 25.30 12.97
C ASP A 95 25.59 25.45 12.13
N ILE A 96 25.74 25.85 10.87
CA ILE A 96 24.59 26.01 10.00
C ILE A 96 24.18 24.66 9.42
N ILE A 97 22.90 24.34 9.50
CA ILE A 97 22.38 23.09 8.97
C ILE A 97 21.39 23.41 7.86
N THR A 98 21.58 22.78 6.71
CA THR A 98 20.66 23.01 5.62
C THR A 98 19.77 21.80 5.52
N VAL A 99 18.48 22.03 5.41
CA VAL A 99 17.52 20.96 5.31
C VAL A 99 16.39 21.39 4.39
N GLY A 100 16.17 20.60 3.33
CA GLY A 100 15.11 20.91 2.39
C GLY A 100 15.19 22.29 1.79
N GLY A 101 16.39 22.89 1.79
CA GLY A 101 16.54 24.22 1.22
C GLY A 101 16.62 25.33 2.27
N ILE A 102 16.17 25.03 3.48
CA ILE A 102 16.21 26.01 4.56
C ILE A 102 17.56 25.95 5.27
N THR A 103 18.13 27.11 5.54
CA THR A 103 19.41 27.20 6.23
C THR A 103 19.13 27.74 7.63
N VAL A 104 19.46 26.96 8.64
CA VAL A 104 19.23 27.34 10.02
C VAL A 104 20.43 27.01 10.92
N THR A 105 20.77 27.93 11.81
CA THR A 105 21.87 27.70 12.73
C THR A 105 21.28 26.72 13.73
N GLN A 106 22.02 25.66 14.06
CA GLN A 106 21.48 24.66 14.96
C GLN A 106 22.49 24.14 15.97
N MET A 107 21.98 23.75 17.13
CA MET A 107 22.80 23.16 18.18
C MET A 107 22.58 21.68 18.00
N PHE A 108 23.64 20.95 17.67
CA PHE A 108 23.51 19.52 17.49
C PHE A 108 24.60 18.84 18.28
N GLY A 109 24.44 17.54 18.49
CA GLY A 109 25.43 16.80 19.23
C GLY A 109 26.36 16.04 18.30
N GLU A 110 27.66 16.13 18.57
CA GLU A 110 28.65 15.41 17.79
C GLU A 110 28.89 14.12 18.57
N VAL A 111 28.29 13.03 18.11
CA VAL A 111 28.46 11.76 18.80
C VAL A 111 29.88 11.20 18.69
N THR A 112 30.46 10.89 19.84
CA THR A 112 31.81 10.35 19.89
C THR A 112 31.77 8.92 20.42
N GLU A 113 30.57 8.43 20.70
CA GLU A 113 30.38 7.08 21.19
C GLU A 113 29.07 6.50 20.68
N MET A 114 29.14 5.66 19.65
CA MET A 114 27.92 5.04 19.13
C MET A 114 28.19 3.55 18.90
N PRO A 115 27.57 2.71 19.75
CA PRO A 115 27.71 1.25 19.70
C PRO A 115 27.35 0.55 18.40
N ALA A 116 28.14 -0.47 18.07
CA ALA A 116 27.98 -1.28 16.86
C ALA A 116 26.53 -1.76 16.76
N LEU A 117 26.01 -2.29 17.86
CA LEU A 117 24.63 -2.71 17.90
C LEU A 117 23.99 -1.55 18.65
N PRO A 118 22.96 -0.91 18.08
CA PRO A 118 22.31 -1.17 16.79
C PRO A 118 22.83 -0.37 15.60
N PHE A 119 23.63 0.66 15.87
CA PHE A 119 24.11 1.55 14.83
C PHE A 119 24.85 1.02 13.62
N MET A 120 25.35 -0.20 13.70
CA MET A 120 26.04 -0.79 12.55
C MET A 120 24.95 -1.16 11.54
N LEU A 121 23.75 -1.41 12.07
CA LEU A 121 22.58 -1.77 11.29
C LEU A 121 21.89 -0.51 10.75
N ALA A 122 22.50 0.64 11.03
CA ALA A 122 21.94 1.91 10.59
C ALA A 122 22.42 2.34 9.20
N GLU A 123 21.47 2.58 8.31
CA GLU A 123 21.78 3.03 6.97
C GLU A 123 22.07 4.52 7.07
N PHE A 124 21.33 5.19 7.96
CA PHE A 124 21.49 6.63 8.18
C PHE A 124 22.73 6.93 9.01
N ASP A 125 23.16 8.18 8.99
CA ASP A 125 24.32 8.60 9.78
C ASP A 125 23.85 9.16 11.11
N GLY A 126 22.82 10.01 11.07
CA GLY A 126 22.31 10.62 12.28
C GLY A 126 20.80 10.72 12.36
N VAL A 127 20.32 11.49 13.32
CA VAL A 127 18.90 11.67 13.52
C VAL A 127 18.54 13.14 13.71
N VAL A 128 17.37 13.52 13.20
CA VAL A 128 16.88 14.89 13.37
C VAL A 128 15.57 14.75 14.13
N GLY A 129 15.59 15.06 15.42
CA GLY A 129 14.38 14.95 16.20
C GLY A 129 13.34 15.97 15.78
N MET A 130 12.10 15.54 15.62
CA MET A 130 11.02 16.45 15.24
C MET A 130 10.04 16.57 16.40
N GLY A 131 10.54 16.37 17.62
CA GLY A 131 9.69 16.46 18.79
C GLY A 131 9.75 17.83 19.43
N PHE A 132 8.90 18.07 20.43
CA PHE A 132 8.87 19.36 21.11
C PHE A 132 10.10 19.53 21.98
N ILE A 133 10.42 20.78 22.32
CA ILE A 133 11.58 21.05 23.16
C ILE A 133 11.45 20.34 24.50
N GLU A 134 10.22 20.06 24.92
CA GLU A 134 9.98 19.38 26.19
C GLU A 134 10.66 18.01 26.28
N GLN A 135 10.89 17.38 25.14
CA GLN A 135 11.52 16.07 25.08
C GLN A 135 13.00 16.15 24.73
N ALA A 136 13.48 17.35 24.39
CA ALA A 136 14.87 17.53 24.04
C ALA A 136 15.78 17.29 25.24
N ILE A 137 16.87 16.57 25.01
CA ILE A 137 17.81 16.28 26.08
C ILE A 137 18.74 17.49 26.08
N GLY A 138 19.26 17.83 27.25
CA GLY A 138 20.16 18.97 27.34
C GLY A 138 19.49 20.31 27.12
N ARG A 139 18.16 20.32 27.07
CA ARG A 139 17.44 21.56 26.89
C ARG A 139 17.94 22.25 25.62
N VAL A 140 18.00 21.52 24.51
CA VAL A 140 18.47 22.10 23.25
C VAL A 140 17.29 22.39 22.33
N THR A 141 17.22 23.61 21.80
CA THR A 141 16.12 23.99 20.89
C THR A 141 16.06 23.08 19.66
N PRO A 142 14.89 22.47 19.41
CA PRO A 142 14.68 21.58 18.26
C PRO A 142 14.85 22.36 16.94
N ILE A 143 15.35 21.68 15.92
CA ILE A 143 15.58 22.33 14.64
C ILE A 143 14.32 22.93 14.02
N PHE A 144 13.16 22.34 14.28
CA PHE A 144 11.95 22.89 13.72
C PHE A 144 11.60 24.20 14.43
N ASP A 145 11.78 24.24 15.74
CA ASP A 145 11.49 25.46 16.49
C ASP A 145 12.30 26.59 15.88
N ASN A 146 13.59 26.34 15.63
CA ASN A 146 14.43 27.36 15.05
C ASN A 146 13.95 27.81 13.67
N ILE A 147 13.47 26.86 12.86
CA ILE A 147 12.97 27.20 11.53
C ILE A 147 11.70 28.05 11.65
N ILE A 148 10.88 27.76 12.65
CA ILE A 148 9.66 28.51 12.87
C ILE A 148 10.02 29.93 13.30
N SER A 149 11.18 30.07 13.95
CA SER A 149 11.63 31.37 14.42
C SER A 149 12.04 32.27 13.26
N GLN A 150 12.21 31.66 12.09
CA GLN A 150 12.61 32.43 10.91
C GLN A 150 11.39 33.08 10.27
N GLY A 151 10.19 32.66 10.67
CA GLY A 151 8.98 33.23 10.11
C GLY A 151 8.86 33.10 8.61
N VAL A 152 9.30 31.97 8.06
CA VAL A 152 9.23 31.74 6.62
C VAL A 152 8.21 30.66 6.25
N LEU A 153 7.92 29.76 7.20
CA LEU A 153 6.97 28.70 6.93
C LEU A 153 5.54 29.24 6.93
N LYS A 154 4.75 28.80 5.95
CA LYS A 154 3.36 29.24 5.83
C LYS A 154 2.49 28.73 6.98
N GLU A 155 2.79 27.53 7.45
CA GLU A 155 2.06 26.94 8.57
C GLU A 155 3.03 26.38 9.59
N ASP A 156 2.59 26.36 10.85
CA ASP A 156 3.42 25.85 11.92
C ASP A 156 3.19 24.34 12.04
N VAL A 157 3.32 23.66 10.90
CA VAL A 157 3.12 22.21 10.82
C VAL A 157 4.04 21.55 9.80
N PHE A 158 4.22 20.24 9.94
CA PHE A 158 5.03 19.46 9.00
C PHE A 158 4.34 18.11 8.79
N SER A 159 4.47 17.55 7.59
CA SER A 159 3.83 16.28 7.27
C SER A 159 4.82 15.24 6.78
N PHE A 160 4.46 13.97 7.01
CA PHE A 160 5.29 12.84 6.60
C PHE A 160 4.56 11.91 5.65
N TYR A 161 5.29 11.42 4.65
CA TYR A 161 4.73 10.47 3.71
C TYR A 161 5.75 9.36 3.49
N TYR A 162 5.37 8.13 3.83
CA TYR A 162 6.26 7.01 3.61
C TYR A 162 5.69 6.14 2.50
N ASN A 163 6.48 5.96 1.45
CA ASN A 163 6.07 5.15 0.32
C ASN A 163 6.23 3.67 0.65
N ARG A 164 5.51 2.82 -0.06
CA ARG A 164 5.59 1.39 0.16
C ARG A 164 6.83 0.83 -0.50
N ASP A 165 6.98 1.06 -1.80
CA ASP A 165 8.17 0.57 -2.48
C ASP A 165 9.40 1.03 -1.72
N SER A 166 10.22 0.07 -1.32
CA SER A 166 11.44 0.36 -0.58
C SER A 166 12.56 0.82 -1.50
N SER A 171 10.75 5.56 -8.17
CA SER A 171 9.72 6.14 -7.30
C SER A 171 10.34 6.85 -6.10
N LEU A 172 9.53 7.68 -5.45
CA LEU A 172 9.94 8.43 -4.27
C LEU A 172 9.93 7.52 -3.03
N GLY A 173 11.00 7.56 -2.24
CA GLY A 173 11.06 6.73 -1.05
C GLY A 173 10.14 7.23 0.05
N GLY A 174 10.02 8.55 0.12
CA GLY A 174 9.18 9.17 1.13
C GLY A 174 9.33 10.67 0.98
N GLN A 175 8.52 11.44 1.70
CA GLN A 175 8.60 12.89 1.59
C GLN A 175 8.11 13.63 2.83
N ILE A 176 8.90 14.58 3.30
CA ILE A 176 8.54 15.40 4.46
C ILE A 176 8.30 16.82 3.97
N VAL A 177 7.13 17.36 4.28
CA VAL A 177 6.81 18.72 3.88
C VAL A 177 6.84 19.58 5.12
N LEU A 178 7.73 20.55 5.14
CA LEU A 178 7.87 21.47 6.26
C LEU A 178 7.05 22.72 5.94
N GLY A 179 6.06 23.01 6.78
CA GLY A 179 5.21 24.17 6.56
C GLY A 179 3.87 23.83 5.95
N GLY A 180 3.56 22.54 5.86
CA GLY A 180 2.29 22.14 5.29
C GLY A 180 2.25 20.67 4.97
N SER A 181 1.39 20.30 4.03
CA SER A 181 1.24 18.91 3.61
C SER A 181 1.18 18.87 2.09
N ASP A 182 1.37 17.68 1.52
CA ASP A 182 1.33 17.53 0.08
C ASP A 182 0.10 16.73 -0.33
N PRO A 183 -0.91 17.41 -0.92
CA PRO A 183 -2.14 16.73 -1.35
C PRO A 183 -1.91 15.67 -2.41
N GLN A 184 -0.69 15.62 -2.95
CA GLN A 184 -0.36 14.64 -3.96
C GLN A 184 -0.26 13.24 -3.36
N HIS A 185 0.09 13.17 -2.08
CA HIS A 185 0.26 11.89 -1.41
C HIS A 185 -0.84 11.43 -0.46
N TYR A 186 -1.96 12.13 -0.44
CA TYR A 186 -3.07 11.74 0.40
C TYR A 186 -4.38 12.09 -0.28
N GLU A 187 -5.43 11.37 0.08
CA GLU A 187 -6.74 11.63 -0.49
C GLU A 187 -7.74 11.60 0.66
N GLY A 188 -8.98 11.99 0.38
CA GLY A 188 -9.97 12.02 1.43
C GLY A 188 -9.61 13.22 2.31
N ASN A 189 -10.27 13.37 3.44
CA ASN A 189 -9.96 14.49 4.32
C ASN A 189 -9.09 14.08 5.50
N PHE A 190 -8.45 15.06 6.11
CA PHE A 190 -7.61 14.81 7.27
C PHE A 190 -8.57 14.70 8.44
N HIS A 191 -8.20 13.89 9.42
CA HIS A 191 -9.01 13.72 10.62
C HIS A 191 -8.01 13.89 11.76
N TYR A 192 -8.27 14.88 12.61
CA TYR A 192 -7.38 15.19 13.71
C TYR A 192 -7.78 14.64 15.07
N ILE A 193 -6.76 14.51 15.92
CA ILE A 193 -6.92 14.06 17.29
C ILE A 193 -6.00 14.99 18.09
N ASN A 194 -6.43 15.38 19.27
CA ASN A 194 -5.62 16.28 20.07
C ASN A 194 -4.54 15.57 20.86
N LEU A 195 -3.43 16.26 21.07
CA LEU A 195 -2.33 15.70 21.84
C LEU A 195 -2.78 15.64 23.29
N ILE A 196 -2.39 14.58 23.98
CA ILE A 196 -2.75 14.44 25.39
C ILE A 196 -2.25 15.68 26.10
N LYS A 197 -1.19 16.28 25.55
CA LYS A 197 -0.58 17.47 26.10
C LYS A 197 0.55 17.93 25.17
N THR A 198 0.79 19.23 25.09
CA THR A 198 1.85 19.74 24.23
C THR A 198 3.18 19.22 24.79
N GLY A 199 4.18 19.09 23.91
CA GLY A 199 5.48 18.60 24.35
C GLY A 199 5.79 17.18 23.87
N VAL A 200 4.75 16.44 23.48
CA VAL A 200 4.93 15.07 23.01
C VAL A 200 3.93 14.74 21.92
N TRP A 201 4.38 14.09 20.86
CA TRP A 201 3.48 13.71 19.77
C TRP A 201 2.77 12.43 20.15
N GLN A 202 1.99 12.50 21.22
CA GLN A 202 1.25 11.35 21.71
C GLN A 202 -0.24 11.70 21.77
N ILE A 203 -1.08 10.76 21.39
CA ILE A 203 -2.52 10.98 21.40
C ILE A 203 -3.26 9.86 22.10
N GLN A 204 -4.50 10.14 22.48
CA GLN A 204 -5.32 9.15 23.14
C GLN A 204 -5.76 8.15 22.08
N MET A 205 -5.76 6.87 22.44
CA MET A 205 -6.21 5.82 21.53
C MET A 205 -7.37 5.12 22.23
N LYS A 206 -8.54 5.16 21.61
CA LYS A 206 -9.75 4.57 22.19
C LYS A 206 -9.86 3.05 22.18
N GLY A 207 -9.02 2.36 21.42
CA GLY A 207 -9.12 0.90 21.41
C GLY A 207 -8.49 0.24 20.20
N VAL A 208 -7.95 -0.95 20.41
CA VAL A 208 -7.30 -1.70 19.33
C VAL A 208 -8.04 -3.00 19.09
N SER A 209 -8.49 -3.23 17.86
CA SER A 209 -9.20 -4.45 17.52
C SER A 209 -8.39 -5.35 16.59
N VAL A 210 -8.49 -6.65 16.81
CA VAL A 210 -7.77 -7.62 15.98
C VAL A 210 -8.78 -8.61 15.44
N GLY A 211 -9.07 -8.51 14.15
CA GLY A 211 -10.04 -9.40 13.54
C GLY A 211 -11.44 -9.11 14.04
N SER A 212 -12.08 -10.10 14.67
CA SER A 212 -13.44 -9.92 15.20
C SER A 212 -13.61 -10.40 16.64
N SER A 213 -12.70 -11.28 17.05
CA SER A 213 -12.75 -11.87 18.38
C SER A 213 -12.07 -11.09 19.51
N THR A 214 -10.79 -10.75 19.36
CA THR A 214 -10.09 -10.02 20.43
C THR A 214 -10.20 -8.50 20.35
N LEU A 215 -10.10 -7.89 21.53
CA LEU A 215 -10.17 -6.44 21.67
C LEU A 215 -9.16 -6.07 22.76
N LEU A 216 -8.12 -5.34 22.36
CA LEU A 216 -7.08 -4.89 23.27
C LEU A 216 -7.38 -3.43 23.61
N CYS A 217 -6.71 -2.89 24.62
CA CYS A 217 -6.92 -1.50 25.00
C CYS A 217 -8.40 -1.18 25.01
N GLU A 218 -9.15 -1.84 25.89
CA GLU A 218 -10.58 -1.64 25.96
C GLU A 218 -10.97 -0.48 26.87
N ASP A 219 -10.01 -0.02 27.66
CA ASP A 219 -10.25 1.07 28.58
C ASP A 219 -9.46 2.29 28.12
N GLY A 220 -8.84 2.17 26.95
CA GLY A 220 -8.06 3.28 26.44
C GLY A 220 -6.58 3.05 26.62
N CYS A 221 -5.81 3.72 25.76
CA CYS A 221 -4.36 3.60 25.81
C CYS A 221 -3.75 4.85 25.18
N LEU A 222 -2.44 4.96 25.25
CA LEU A 222 -1.74 6.10 24.69
C LEU A 222 -1.12 5.63 23.39
N ALA A 223 -1.07 6.52 22.42
CA ALA A 223 -0.47 6.21 21.13
C ALA A 223 0.51 7.30 20.70
N LEU A 224 1.79 6.96 20.72
CA LEU A 224 2.83 7.88 20.30
C LEU A 224 2.91 7.76 18.77
N VAL A 225 2.79 8.88 18.06
CA VAL A 225 2.88 8.84 16.60
C VAL A 225 4.36 9.06 16.27
N ASP A 226 5.06 7.95 16.11
CA ASP A 226 6.51 7.91 15.89
C ASP A 226 7.04 7.73 14.46
N THR A 227 7.49 8.80 13.83
CA THR A 227 8.01 8.72 12.47
C THR A 227 9.37 8.01 12.40
N GLY A 228 10.06 7.96 13.54
CA GLY A 228 11.37 7.33 13.60
C GLY A 228 11.34 5.85 13.92
N ALA A 229 10.16 5.35 14.29
CA ALA A 229 9.98 3.94 14.60
C ALA A 229 9.62 3.22 13.32
N SER A 230 10.21 2.06 13.11
CA SER A 230 9.95 1.29 11.90
C SER A 230 8.62 0.57 12.00
N TYR A 231 8.37 -0.01 13.16
CA TYR A 231 7.17 -0.79 13.39
C TYR A 231 6.14 -0.16 14.28
N ILE A 232 5.09 -0.93 14.55
CA ILE A 232 4.02 -0.54 15.45
C ILE A 232 4.37 -1.31 16.72
N SER A 233 4.27 -0.67 17.87
CA SER A 233 4.60 -1.36 19.11
C SER A 233 3.61 -1.12 20.22
N GLY A 234 3.56 -2.08 21.15
CA GLY A 234 2.68 -1.99 22.29
C GLY A 234 3.39 -2.61 23.46
N SER A 235 2.84 -2.44 24.66
CA SER A 235 3.44 -3.00 25.86
C SER A 235 3.54 -4.50 25.65
N THR A 236 4.55 -5.12 26.23
CA THR A 236 4.75 -6.57 26.08
C THR A 236 3.42 -7.28 26.31
N SER A 237 2.70 -6.81 27.33
CA SER A 237 1.41 -7.39 27.67
C SER A 237 0.45 -7.34 26.48
N SER A 238 0.38 -6.18 25.81
CA SER A 238 -0.50 -6.00 24.67
C SER A 238 -0.10 -6.88 23.50
N ILE A 239 1.16 -6.85 23.13
CA ILE A 239 1.64 -7.64 22.01
C ILE A 239 1.48 -9.14 22.21
N GLU A 240 1.55 -9.60 23.45
CA GLU A 240 1.38 -11.03 23.71
C GLU A 240 -0.04 -11.46 23.35
N LYS A 241 -1.02 -10.66 23.79
CA LYS A 241 -2.42 -10.97 23.48
C LYS A 241 -2.60 -10.85 21.98
N LEU A 242 -2.11 -9.73 21.44
CA LEU A 242 -2.20 -9.46 20.01
C LEU A 242 -1.60 -10.58 19.18
N MET A 243 -0.36 -10.95 19.46
CA MET A 243 0.30 -11.99 18.72
C MET A 243 -0.33 -13.36 18.94
N GLU A 244 -0.97 -13.54 20.09
CA GLU A 244 -1.63 -14.80 20.41
C GLU A 244 -2.75 -14.97 19.39
N ALA A 245 -3.49 -13.88 19.19
CA ALA A 245 -4.62 -13.85 18.27
C ALA A 245 -4.20 -13.99 16.80
N LEU A 246 -2.96 -13.65 16.50
CA LEU A 246 -2.49 -13.76 15.13
C LEU A 246 -1.92 -15.16 14.85
N GLY A 247 -1.56 -15.87 15.90
CA GLY A 247 -1.00 -17.20 15.74
C GLY A 247 0.50 -17.17 15.52
N ALA A 248 1.10 -16.01 15.76
CA ALA A 248 2.53 -15.84 15.58
C ALA A 248 3.34 -16.33 16.78
N LYS A 249 4.58 -16.75 16.51
CA LYS A 249 5.45 -17.22 17.59
C LYS A 249 6.59 -16.23 17.78
N LYS A 250 6.92 -15.99 19.03
CA LYS A 250 7.94 -15.02 19.39
C LYS A 250 9.39 -15.48 19.37
N ARG A 251 10.21 -14.74 18.62
CA ARG A 251 11.63 -15.02 18.53
C ARG A 251 12.29 -14.03 19.47
N LEU A 252 13.61 -13.92 19.44
CA LEU A 252 14.32 -13.02 20.34
C LEU A 252 13.96 -11.54 20.25
N PHE A 253 13.80 -11.01 19.04
CA PHE A 253 13.47 -9.59 18.88
C PHE A 253 12.17 -9.25 18.16
N ASP A 254 11.61 -10.20 17.43
CA ASP A 254 10.36 -9.95 16.70
C ASP A 254 9.45 -11.16 16.71
N TYR A 255 8.34 -11.05 15.99
CA TYR A 255 7.40 -12.16 15.89
C TYR A 255 7.35 -12.59 14.44
N VAL A 256 7.01 -13.85 14.21
CA VAL A 256 6.94 -14.37 12.85
C VAL A 256 5.82 -15.39 12.70
N VAL A 257 5.37 -15.56 11.47
CA VAL A 257 4.33 -16.54 11.17
C VAL A 257 4.84 -17.28 9.95
N LYS A 258 4.42 -18.53 9.77
CA LYS A 258 4.87 -19.26 8.60
C LYS A 258 4.29 -18.46 7.47
N CYS A 259 5.12 -18.13 6.49
CA CYS A 259 4.70 -17.32 5.36
C CYS A 259 3.40 -17.71 4.66
N ASN A 260 3.09 -19.00 4.62
CA ASN A 260 1.86 -19.43 3.98
C ASN A 260 0.65 -18.90 4.74
N GLU A 261 0.78 -18.80 6.06
CA GLU A 261 -0.29 -18.33 6.93
C GLU A 261 -0.41 -16.80 6.89
N GLY A 262 0.61 -16.13 6.37
CA GLY A 262 0.62 -14.69 6.31
C GLY A 262 -0.62 -14.01 5.75
N PRO A 263 -0.95 -14.23 4.46
CA PRO A 263 -2.10 -13.64 3.77
C PRO A 263 -3.46 -13.82 4.44
N THR A 264 -3.57 -14.71 5.40
CA THR A 264 -4.85 -14.95 6.07
C THR A 264 -4.97 -14.34 7.46
N LEU A 265 -3.98 -13.54 7.85
CA LEU A 265 -4.03 -12.91 9.16
C LEU A 265 -5.15 -11.87 9.16
N PRO A 266 -5.86 -11.74 10.30
CA PRO A 266 -6.96 -10.78 10.42
C PRO A 266 -6.52 -9.33 10.33
N ASP A 267 -7.48 -8.43 10.20
CA ASP A 267 -7.19 -7.01 10.14
C ASP A 267 -6.91 -6.52 11.54
N ILE A 268 -6.21 -5.40 11.66
CA ILE A 268 -5.93 -4.80 12.95
C ILE A 268 -6.34 -3.35 12.82
N SER A 269 -7.21 -2.89 13.71
CA SER A 269 -7.68 -1.51 13.66
C SER A 269 -7.31 -0.72 14.89
N PHE A 270 -7.00 0.55 14.69
CA PHE A 270 -6.64 1.44 15.78
C PHE A 270 -7.67 2.56 15.83
N HIS A 271 -8.43 2.61 16.93
CA HIS A 271 -9.45 3.62 17.07
C HIS A 271 -8.81 4.92 17.56
N LEU A 272 -8.74 5.90 16.67
CA LEU A 272 -8.13 7.18 17.01
C LEU A 272 -9.03 8.37 16.70
N GLY A 273 -9.43 9.09 17.76
CA GLY A 273 -10.29 10.25 17.60
C GLY A 273 -11.60 10.00 16.89
N GLY A 274 -12.16 8.81 17.07
CA GLY A 274 -13.41 8.51 16.42
C GLY A 274 -13.29 8.22 14.93
N LYS A 275 -12.30 7.41 14.57
CA LYS A 275 -12.10 7.01 13.18
C LYS A 275 -11.34 5.68 13.21
N GLU A 276 -11.83 4.70 12.47
CA GLU A 276 -11.18 3.39 12.45
C GLU A 276 -10.09 3.27 11.40
N TYR A 277 -8.85 3.26 11.88
CA TYR A 277 -7.67 3.13 11.02
C TYR A 277 -7.31 1.65 10.98
N THR A 278 -7.62 1.01 9.86
CA THR A 278 -7.39 -0.40 9.69
C THR A 278 -6.23 -0.81 8.79
N LEU A 279 -5.53 -1.85 9.24
CA LEU A 279 -4.41 -2.41 8.49
C LEU A 279 -4.77 -3.85 8.16
N THR A 280 -4.35 -4.31 7.00
CA THR A 280 -4.60 -5.69 6.60
C THR A 280 -3.25 -6.37 6.73
N SER A 281 -3.23 -7.70 6.67
CA SER A 281 -1.98 -8.43 6.79
C SER A 281 -0.91 -7.91 5.83
N ALA A 282 -1.34 -7.52 4.63
CA ALA A 282 -0.41 -7.02 3.65
C ALA A 282 0.23 -5.74 4.18
N ASP A 283 -0.43 -5.10 5.14
CA ASP A 283 0.07 -3.86 5.74
C ASP A 283 1.11 -4.09 6.82
N TYR A 284 1.05 -5.24 7.49
CA TYR A 284 2.00 -5.50 8.55
C TYR A 284 2.85 -6.77 8.43
N VAL A 285 2.66 -7.53 7.36
CA VAL A 285 3.44 -8.75 7.17
C VAL A 285 4.43 -8.54 6.04
N PHE A 286 5.68 -8.93 6.27
CA PHE A 286 6.69 -8.82 5.23
C PHE A 286 6.56 -10.10 4.43
N GLN A 287 5.55 -10.12 3.55
CA GLN A 287 5.28 -11.29 2.72
C GLN A 287 6.34 -11.48 1.63
N GLU A 288 7.45 -12.11 1.99
CA GLU A 288 8.55 -12.35 1.05
C GLU A 288 8.49 -13.76 0.49
N SER A 289 7.55 -14.55 1.00
CA SER A 289 7.37 -15.93 0.55
C SER A 289 5.95 -16.36 0.90
N TYR A 290 5.52 -17.47 0.32
CA TYR A 290 4.18 -17.99 0.57
C TYR A 290 4.27 -19.44 1.06
N SER A 291 5.49 -19.94 1.17
CA SER A 291 5.71 -21.31 1.59
C SER A 291 5.54 -21.49 3.09
N SER A 292 5.26 -22.72 3.50
CA SER A 292 5.09 -23.04 4.90
C SER A 292 6.48 -23.30 5.47
N LYS A 293 7.44 -23.50 4.57
CA LYS A 293 8.83 -23.77 4.94
C LYS A 293 9.67 -22.55 5.26
N LYS A 294 9.02 -21.39 5.38
CA LYS A 294 9.74 -20.16 5.69
C LYS A 294 8.93 -19.30 6.65
N LEU A 295 9.64 -18.49 7.43
CA LEU A 295 8.99 -17.62 8.40
C LEU A 295 8.97 -16.18 7.93
N CYS A 296 7.83 -15.55 8.08
CA CYS A 296 7.65 -14.17 7.66
C CYS A 296 7.55 -13.28 8.90
N THR A 297 8.31 -12.19 8.91
CA THR A 297 8.31 -11.28 10.03
C THR A 297 7.13 -10.31 10.01
N LEU A 298 6.66 -9.96 11.20
CA LEU A 298 5.56 -9.01 11.35
C LEU A 298 6.15 -7.66 11.72
N ALA A 299 5.60 -6.59 11.15
CA ALA A 299 6.09 -5.25 11.44
C ALA A 299 5.46 -4.68 12.72
N ILE A 300 5.42 -5.51 13.75
CA ILE A 300 4.86 -5.11 15.04
C ILE A 300 5.73 -5.67 16.15
N HIS A 301 6.41 -4.78 16.86
CA HIS A 301 7.29 -5.18 17.96
C HIS A 301 6.64 -4.96 19.32
N ALA A 302 7.29 -5.48 20.34
CA ALA A 302 6.84 -5.31 21.71
C ALA A 302 7.87 -4.32 22.25
N MET A 303 7.40 -3.30 22.96
CA MET A 303 8.31 -2.31 23.50
C MET A 303 7.66 -1.57 24.64
N ASP A 304 8.31 -1.59 25.80
CA ASP A 304 7.75 -0.93 26.98
C ASP A 304 8.39 0.40 27.30
N ILE A 305 7.75 1.47 26.84
CA ILE A 305 8.22 2.82 27.09
C ILE A 305 7.89 3.17 28.54
N PRO A 306 8.87 3.67 29.30
CA PRO A 306 8.71 4.04 30.71
C PRO A 306 8.01 5.38 30.94
N PRO A 307 7.39 5.54 32.11
CA PRO A 307 6.72 6.82 32.37
C PRO A 307 7.81 7.89 32.32
N PRO A 308 7.40 9.17 32.24
CA PRO A 308 6.01 9.62 32.20
C PRO A 308 5.29 9.32 30.87
N THR A 309 6.06 9.08 29.82
CA THR A 309 5.48 8.82 28.51
C THR A 309 4.83 7.45 28.34
N GLY A 310 5.33 6.45 29.05
CA GLY A 310 4.76 5.11 28.92
C GLY A 310 3.99 4.66 30.15
N PRO A 311 3.30 3.50 30.06
CA PRO A 311 3.19 2.61 28.90
C PRO A 311 2.44 3.25 27.74
N THR A 312 2.80 2.85 26.52
CA THR A 312 2.16 3.40 25.33
C THR A 312 2.47 2.63 24.07
N TRP A 313 1.56 2.73 23.10
CA TRP A 313 1.79 2.08 21.83
C TRP A 313 2.58 3.09 21.02
N ALA A 314 3.23 2.63 19.97
CA ALA A 314 3.99 3.53 19.11
C ALA A 314 3.54 3.23 17.68
N LEU A 315 3.08 4.26 16.97
CA LEU A 315 2.65 4.09 15.59
C LEU A 315 3.78 4.62 14.70
N GLY A 316 4.49 3.69 14.06
CA GLY A 316 5.60 4.05 13.20
C GLY A 316 5.33 3.94 11.71
N ALA A 317 6.38 3.63 10.95
CA ALA A 317 6.28 3.52 9.50
C ALA A 317 5.23 2.51 9.05
N THR A 318 5.07 1.41 9.78
CA THR A 318 4.07 0.41 9.41
C THR A 318 2.72 1.13 9.26
N PHE A 319 2.43 2.02 10.20
CA PHE A 319 1.18 2.77 10.21
C PHE A 319 1.21 3.96 9.24
N ILE A 320 2.27 4.76 9.30
CA ILE A 320 2.42 5.94 8.46
C ILE A 320 2.51 5.65 6.96
N ARG A 321 2.88 4.42 6.62
CA ARG A 321 2.98 4.03 5.21
C ARG A 321 1.59 4.12 4.61
N LYS A 322 0.59 3.73 5.39
CA LYS A 322 -0.79 3.72 4.93
C LYS A 322 -1.57 5.01 5.19
N PHE A 323 -1.15 5.78 6.19
CA PHE A 323 -1.85 7.02 6.51
C PHE A 323 -0.94 8.22 6.56
N TYR A 324 -1.13 9.12 5.59
CA TYR A 324 -0.34 10.35 5.51
C TYR A 324 -0.52 11.07 6.85
N THR A 325 0.58 11.44 7.48
CA THR A 325 0.50 12.09 8.78
C THR A 325 0.99 13.53 8.83
N GLU A 326 0.13 14.40 9.36
CA GLU A 326 0.47 15.80 9.51
C GLU A 326 0.59 16.10 11.00
N PHE A 327 1.67 16.79 11.38
CA PHE A 327 1.89 17.15 12.77
C PHE A 327 1.65 18.65 12.90
N ASP A 328 0.57 19.00 13.60
CA ASP A 328 0.18 20.39 13.79
C ASP A 328 0.68 20.93 15.12
N ARG A 329 1.65 21.83 15.07
CA ARG A 329 2.22 22.41 16.29
C ARG A 329 1.40 23.59 16.82
N ARG A 330 0.72 24.31 15.93
CA ARG A 330 -0.06 25.46 16.34
C ARG A 330 -1.30 25.04 17.14
N ASN A 331 -1.94 23.96 16.72
CA ASN A 331 -3.14 23.49 17.40
C ASN A 331 -2.93 22.25 18.26
N ASN A 332 -1.68 21.83 18.42
CA ASN A 332 -1.34 20.66 19.22
C ASN A 332 -2.17 19.42 18.87
N ARG A 333 -2.26 19.12 17.59
CA ARG A 333 -3.02 17.97 17.12
C ARG A 333 -2.27 17.26 16.00
N ILE A 334 -2.71 16.04 15.71
CA ILE A 334 -2.12 15.24 14.65
C ILE A 334 -3.26 14.87 13.73
N GLY A 335 -3.04 15.03 12.43
CA GLY A 335 -4.07 14.70 11.47
C GLY A 335 -3.67 13.53 10.60
N PHE A 336 -4.64 12.66 10.29
CA PHE A 336 -4.39 11.50 9.46
C PHE A 336 -5.24 11.55 8.19
N ALA A 337 -4.69 11.03 7.10
CA ALA A 337 -5.40 10.97 5.83
C ALA A 337 -4.88 9.72 5.14
N LEU A 338 -5.65 9.18 4.19
CA LEU A 338 -5.24 7.99 3.48
C LEU A 338 -4.13 8.31 2.47
N ALA A 339 -2.98 7.65 2.64
CA ALA A 339 -1.84 7.87 1.75
C ALA A 339 -2.08 7.28 0.36
N ARG A 340 -1.35 7.79 -0.62
CA ARG A 340 -1.44 7.32 -2.00
C ARG A 340 -0.17 7.67 -2.78
N LEU B 1 -23.51 14.00 -17.70
CA LEU B 1 -22.22 13.72 -17.09
C LEU B 1 -21.58 14.99 -16.53
N THR B 2 -21.29 14.99 -15.24
CA THR B 2 -20.65 16.14 -14.61
C THR B 2 -19.23 15.73 -14.23
N LEU B 3 -18.28 16.64 -14.42
CA LEU B 3 -16.90 16.34 -14.10
C LEU B 3 -16.31 17.27 -13.05
N GLY B 4 -15.79 16.68 -11.97
CA GLY B 4 -15.21 17.46 -10.91
C GLY B 4 -13.72 17.62 -11.15
N ASN B 5 -12.97 17.89 -10.10
CA ASN B 5 -11.53 18.05 -10.19
C ASN B 5 -10.90 17.07 -9.20
N THR B 6 -11.41 15.84 -9.19
CA THR B 6 -10.93 14.81 -8.27
C THR B 6 -10.57 13.48 -8.91
N THR B 7 -9.59 12.83 -8.29
CA THR B 7 -9.11 11.52 -8.72
C THR B 7 -8.98 10.69 -7.45
N SER B 8 -9.30 9.41 -7.53
CA SER B 8 -9.23 8.52 -6.38
C SER B 8 -8.45 7.25 -6.67
N SER B 9 -7.47 6.94 -5.83
CA SER B 9 -6.65 5.75 -6.05
C SER B 9 -6.82 4.71 -4.94
N VAL B 10 -6.74 3.44 -5.32
CA VAL B 10 -6.86 2.34 -4.35
C VAL B 10 -5.64 1.45 -4.48
N ILE B 11 -4.91 1.27 -3.38
CA ILE B 11 -3.73 0.42 -3.40
C ILE B 11 -4.20 -1.03 -3.44
N LEU B 12 -3.52 -1.86 -4.23
CA LEU B 12 -3.89 -3.26 -4.37
C LEU B 12 -2.80 -4.22 -3.89
N THR B 13 -3.24 -5.35 -3.35
CA THR B 13 -2.34 -6.38 -2.88
C THR B 13 -2.20 -7.40 -4.01
N ASN B 14 -0.96 -7.73 -4.37
CA ASN B 14 -0.74 -8.70 -5.41
C ASN B 14 -0.45 -10.04 -4.76
N TYR B 15 -1.41 -10.94 -4.86
CA TYR B 15 -1.26 -12.27 -4.28
C TYR B 15 -0.92 -13.31 -5.35
N MET B 16 0.31 -13.79 -5.33
CA MET B 16 0.77 -14.81 -6.27
C MET B 16 0.58 -14.49 -7.75
N ASP B 17 0.44 -13.21 -8.07
CA ASP B 17 0.24 -12.81 -9.47
C ASP B 17 -1.10 -13.26 -10.03
N THR B 18 -1.94 -13.91 -9.21
CA THR B 18 -3.25 -14.36 -9.70
C THR B 18 -4.43 -13.63 -9.06
N GLN B 19 -4.18 -12.91 -7.97
CA GLN B 19 -5.24 -12.19 -7.30
C GLN B 19 -4.81 -10.79 -6.88
N TYR B 20 -5.51 -9.78 -7.39
CA TYR B 20 -5.21 -8.39 -7.04
C TYR B 20 -6.44 -7.79 -6.36
N TYR B 21 -6.31 -7.49 -5.07
CA TYR B 21 -7.45 -6.93 -4.35
C TYR B 21 -7.13 -5.70 -3.52
N GLY B 22 -8.14 -4.87 -3.32
CA GLY B 22 -7.96 -3.66 -2.54
C GLY B 22 -8.99 -3.65 -1.43
N GLU B 23 -8.99 -2.60 -0.62
CA GLU B 23 -9.93 -2.53 0.48
C GLU B 23 -11.02 -1.49 0.27
N ILE B 24 -12.23 -1.82 0.72
CA ILE B 24 -13.35 -0.89 0.65
C ILE B 24 -14.04 -1.01 2.00
N GLY B 25 -14.68 0.07 2.42
CA GLY B 25 -15.37 0.07 3.69
C GLY B 25 -16.87 0.13 3.44
N ILE B 26 -17.65 -0.53 4.28
CA ILE B 26 -19.10 -0.53 4.09
C ILE B 26 -19.84 -0.21 5.39
N GLY B 27 -20.74 0.76 5.32
CA GLY B 27 -21.51 1.14 6.49
C GLY B 27 -20.88 2.18 7.40
N THR B 28 -21.65 2.61 8.40
CA THR B 28 -21.19 3.59 9.38
C THR B 28 -21.33 3.00 10.79
N PRO B 29 -20.20 2.72 11.46
CA PRO B 29 -18.83 2.92 10.98
C PRO B 29 -18.45 1.91 9.91
N PRO B 30 -17.37 2.19 9.17
CA PRO B 30 -16.87 1.33 8.09
C PRO B 30 -16.31 -0.04 8.51
N GLN B 31 -16.83 -1.09 7.89
CA GLN B 31 -16.37 -2.46 8.11
C GLN B 31 -15.53 -2.70 6.87
N THR B 32 -14.24 -3.01 7.04
CA THR B 32 -13.34 -3.22 5.92
C THR B 32 -13.27 -4.61 5.32
N PHE B 33 -13.39 -4.65 3.99
CA PHE B 33 -13.35 -5.89 3.21
C PHE B 33 -12.30 -5.83 2.11
N LYS B 34 -11.74 -6.99 1.77
CA LYS B 34 -10.76 -7.08 0.68
C LYS B 34 -11.56 -7.44 -0.57
N VAL B 35 -11.48 -6.61 -1.61
CA VAL B 35 -12.24 -6.90 -2.82
C VAL B 35 -11.46 -6.85 -4.12
N VAL B 36 -11.95 -7.59 -5.10
CA VAL B 36 -11.35 -7.63 -6.42
C VAL B 36 -12.23 -6.74 -7.28
N PHE B 37 -11.62 -5.77 -7.96
CA PHE B 37 -12.36 -4.87 -8.83
C PHE B 37 -12.39 -5.55 -10.19
N ASP B 38 -13.57 -6.01 -10.58
CA ASP B 38 -13.75 -6.78 -11.81
C ASP B 38 -14.50 -6.15 -12.99
N THR B 39 -13.78 -5.79 -14.05
CA THR B 39 -14.40 -5.21 -15.25
C THR B 39 -15.22 -6.28 -15.97
N GLY B 40 -15.14 -7.52 -15.47
CA GLY B 40 -15.88 -8.61 -16.06
C GLY B 40 -17.27 -8.80 -15.48
N SER B 41 -17.66 -7.94 -14.55
CA SER B 41 -18.98 -8.01 -13.93
C SER B 41 -19.39 -6.62 -13.43
N SER B 42 -20.62 -6.47 -12.97
CA SER B 42 -21.09 -5.16 -12.52
C SER B 42 -21.78 -5.11 -11.16
N ASN B 43 -21.62 -6.15 -10.36
CA ASN B 43 -22.24 -6.17 -9.05
C ASN B 43 -21.21 -6.07 -7.95
N VAL B 44 -21.62 -5.55 -6.81
CA VAL B 44 -20.76 -5.40 -5.64
C VAL B 44 -21.31 -6.31 -4.54
N TRP B 45 -20.43 -7.11 -3.94
CA TRP B 45 -20.88 -7.99 -2.88
C TRP B 45 -19.78 -8.40 -1.92
N VAL B 46 -20.18 -8.77 -0.71
CA VAL B 46 -19.26 -9.22 0.31
C VAL B 46 -20.02 -10.25 1.13
N PRO B 47 -19.31 -11.29 1.61
CA PRO B 47 -20.01 -12.29 2.42
C PRO B 47 -20.75 -11.65 3.60
N SER B 48 -21.90 -12.23 3.96
CA SER B 48 -22.71 -11.70 5.04
C SER B 48 -22.51 -12.34 6.39
N SER B 49 -22.92 -11.62 7.42
CA SER B 49 -22.79 -12.13 8.79
C SER B 49 -23.84 -13.22 8.96
N LYS B 50 -24.87 -13.13 8.14
CA LYS B 50 -25.98 -14.07 8.16
C LYS B 50 -25.69 -15.20 7.22
N CYS B 51 -24.42 -15.51 7.04
CA CYS B 51 -24.04 -16.61 6.17
C CYS B 51 -23.74 -17.80 7.06
N SER B 52 -24.33 -18.95 6.73
CA SER B 52 -24.13 -20.15 7.51
C SER B 52 -22.64 -20.43 7.72
N ARG B 53 -22.27 -20.70 8.96
CA ARG B 53 -20.88 -21.00 9.28
C ARG B 53 -20.55 -22.40 8.76
N LEU B 54 -21.48 -22.98 8.01
CA LEU B 54 -21.28 -24.30 7.43
C LEU B 54 -20.46 -24.21 6.15
N TYR B 55 -20.56 -23.07 5.48
CA TYR B 55 -19.78 -22.82 4.27
C TYR B 55 -18.44 -22.35 4.79
N THR B 56 -17.43 -23.21 4.70
CA THR B 56 -16.09 -22.84 5.19
C THR B 56 -15.67 -21.48 4.64
N ALA B 57 -16.15 -21.17 3.44
CA ALA B 57 -15.82 -19.89 2.82
C ALA B 57 -16.28 -18.72 3.70
N CYS B 58 -17.44 -18.85 4.33
CA CYS B 58 -17.97 -17.78 5.18
C CYS B 58 -17.28 -17.68 6.51
N VAL B 59 -16.57 -18.74 6.87
CA VAL B 59 -15.89 -18.76 8.15
C VAL B 59 -14.51 -18.11 8.11
N TYR B 60 -13.82 -18.27 6.98
CA TYR B 60 -12.49 -17.70 6.84
C TYR B 60 -12.49 -16.32 6.18
N HIS B 61 -13.65 -15.88 5.69
CA HIS B 61 -13.78 -14.57 5.06
C HIS B 61 -14.52 -13.63 5.99
N LYS B 62 -14.21 -12.34 5.92
CA LYS B 62 -14.87 -11.35 6.76
C LYS B 62 -16.34 -11.23 6.37
N LEU B 63 -17.21 -10.94 7.33
CA LEU B 63 -18.63 -10.84 7.05
C LEU B 63 -19.23 -9.48 7.39
N PHE B 64 -20.15 -9.02 6.55
CA PHE B 64 -20.82 -7.75 6.75
C PHE B 64 -21.94 -7.91 7.76
N ASP B 65 -21.95 -7.05 8.78
CA ASP B 65 -22.97 -7.11 9.81
C ASP B 65 -23.81 -5.84 9.80
N ALA B 66 -24.89 -5.86 9.03
CA ALA B 66 -25.79 -4.72 8.90
C ALA B 66 -26.23 -4.08 10.21
N SER B 67 -26.48 -4.89 11.22
CA SER B 67 -26.92 -4.36 12.51
C SER B 67 -25.87 -3.47 13.16
N ASP B 68 -24.68 -3.41 12.56
CA ASP B 68 -23.61 -2.58 13.08
C ASP B 68 -23.37 -1.36 12.19
N SER B 69 -24.33 -1.08 11.32
CA SER B 69 -24.24 0.07 10.42
C SER B 69 -25.47 0.96 10.56
N SER B 70 -25.28 2.16 11.07
CA SER B 70 -26.38 3.09 11.26
C SER B 70 -26.86 3.66 9.92
N SER B 71 -26.17 3.30 8.84
CA SER B 71 -26.51 3.77 7.52
C SER B 71 -27.13 2.67 6.68
N TYR B 72 -27.19 1.47 7.24
CA TYR B 72 -27.77 0.34 6.55
C TYR B 72 -29.23 0.58 6.21
N LYS B 73 -29.62 0.22 4.99
CA LYS B 73 -30.99 0.33 4.53
C LYS B 73 -31.35 -1.07 4.04
N HIS B 74 -32.46 -1.60 4.52
CA HIS B 74 -32.88 -2.93 4.14
C HIS B 74 -33.58 -2.95 2.78
N ASN B 75 -33.36 -4.03 2.04
CA ASN B 75 -34.02 -4.25 0.75
C ASN B 75 -34.34 -5.74 0.71
N GLY B 76 -33.32 -6.56 0.89
CA GLY B 76 -33.52 -8.01 0.93
C GLY B 76 -33.96 -8.80 -0.28
N THR B 77 -34.03 -8.18 -1.45
CA THR B 77 -34.42 -8.95 -2.64
C THR B 77 -33.35 -9.98 -2.95
N GLU B 78 -33.77 -11.18 -3.35
CA GLU B 78 -32.83 -12.27 -3.64
C GLU B 78 -31.88 -11.97 -4.80
N LEU B 79 -30.58 -12.21 -4.57
CA LEU B 79 -29.55 -11.96 -5.57
C LEU B 79 -28.69 -13.19 -5.82
N THR B 80 -28.64 -13.64 -7.07
CA THR B 80 -27.84 -14.78 -7.45
C THR B 80 -26.86 -14.38 -8.55
N LEU B 81 -25.56 -14.46 -8.24
CA LEU B 81 -24.53 -14.13 -9.22
C LEU B 81 -23.88 -15.42 -9.68
N ARG B 82 -24.21 -15.84 -10.90
CA ARG B 82 -23.66 -17.08 -11.44
C ARG B 82 -22.43 -16.81 -12.30
N TYR B 83 -21.30 -16.58 -11.62
CA TYR B 83 -20.04 -16.32 -12.30
C TYR B 83 -19.69 -17.58 -13.07
N SER B 84 -18.71 -17.46 -13.96
CA SER B 84 -18.27 -18.59 -14.76
C SER B 84 -17.68 -19.72 -13.92
N THR B 85 -16.94 -19.36 -12.86
CA THR B 85 -16.29 -20.34 -12.01
C THR B 85 -17.09 -20.82 -10.80
N GLY B 86 -18.31 -20.32 -10.67
CA GLY B 86 -19.14 -20.71 -9.53
C GLY B 86 -20.25 -19.72 -9.28
N THR B 87 -21.17 -20.06 -8.39
CA THR B 87 -22.28 -19.16 -8.08
C THR B 87 -22.30 -18.77 -6.60
N VAL B 88 -22.76 -17.54 -6.36
CA VAL B 88 -22.90 -17.01 -5.01
C VAL B 88 -24.27 -16.35 -4.98
N SER B 89 -24.98 -16.51 -3.87
CA SER B 89 -26.30 -15.93 -3.75
C SER B 89 -26.54 -15.30 -2.38
N GLY B 90 -27.50 -14.38 -2.34
CA GLY B 90 -27.82 -13.70 -1.10
C GLY B 90 -28.93 -12.70 -1.34
N PHE B 91 -28.86 -11.54 -0.68
CA PHE B 91 -29.87 -10.51 -0.85
C PHE B 91 -29.25 -9.12 -0.96
N LEU B 92 -29.99 -8.22 -1.60
CA LEU B 92 -29.54 -6.85 -1.79
C LEU B 92 -29.68 -6.01 -0.54
N SER B 93 -28.71 -5.13 -0.30
CA SER B 93 -28.71 -4.23 0.83
C SER B 93 -28.18 -2.89 0.33
N GLN B 94 -28.37 -1.84 1.11
CA GLN B 94 -27.87 -0.53 0.74
C GLN B 94 -27.07 0.04 1.89
N ASP B 95 -26.03 0.78 1.56
CA ASP B 95 -25.21 1.39 2.60
C ASP B 95 -24.18 2.30 1.97
N ILE B 96 -23.37 2.93 2.82
CA ILE B 96 -22.33 3.81 2.33
C ILE B 96 -21.05 2.99 2.18
N ILE B 97 -20.46 3.04 1.00
CA ILE B 97 -19.23 2.32 0.74
C ILE B 97 -18.11 3.34 0.58
N THR B 98 -16.98 3.09 1.25
CA THR B 98 -15.85 3.98 1.16
C THR B 98 -14.80 3.36 0.27
N VAL B 99 -14.52 4.01 -0.86
CA VAL B 99 -13.56 3.50 -1.80
C VAL B 99 -12.46 4.51 -2.10
N GLY B 100 -11.30 4.28 -1.53
CA GLY B 100 -10.16 5.15 -1.72
C GLY B 100 -10.40 6.63 -1.62
N GLY B 101 -11.04 7.07 -0.54
CA GLY B 101 -11.28 8.50 -0.38
C GLY B 101 -12.59 9.04 -0.92
N ILE B 102 -13.46 8.15 -1.38
CA ILE B 102 -14.76 8.53 -1.91
C ILE B 102 -15.82 7.70 -1.22
N THR B 103 -16.93 8.35 -0.86
CA THR B 103 -18.03 7.65 -0.21
C THR B 103 -19.26 7.76 -1.07
N VAL B 104 -19.82 6.62 -1.46
CA VAL B 104 -21.01 6.60 -2.29
C VAL B 104 -22.05 5.65 -1.72
N THR B 105 -23.31 6.03 -1.84
CA THR B 105 -24.39 5.18 -1.36
C THR B 105 -24.54 4.13 -2.47
N GLN B 106 -24.31 2.88 -2.11
CA GLN B 106 -24.36 1.80 -3.08
C GLN B 106 -25.27 0.64 -2.67
N MET B 107 -25.94 0.07 -3.65
CA MET B 107 -26.82 -1.07 -3.43
C MET B 107 -25.92 -2.26 -3.75
N PHE B 108 -25.67 -3.11 -2.76
CA PHE B 108 -24.81 -4.27 -2.98
C PHE B 108 -25.50 -5.53 -2.50
N GLY B 109 -24.81 -6.66 -2.64
CA GLY B 109 -25.38 -7.90 -2.21
C GLY B 109 -24.70 -8.51 -1.01
N GLU B 110 -25.50 -8.99 -0.07
CA GLU B 110 -24.96 -9.65 1.11
C GLU B 110 -25.06 -11.10 0.67
N VAL B 111 -23.93 -11.79 0.60
CA VAL B 111 -23.91 -13.16 0.15
C VAL B 111 -24.02 -14.17 1.28
N THR B 112 -24.85 -15.20 1.05
CA THR B 112 -25.09 -16.25 2.03
C THR B 112 -24.66 -17.63 1.51
N GLU B 113 -24.50 -17.77 0.21
CA GLU B 113 -24.06 -19.04 -0.39
C GLU B 113 -22.70 -18.78 -1.04
N MET B 114 -21.67 -19.42 -0.50
CA MET B 114 -20.31 -19.24 -0.99
C MET B 114 -19.59 -20.58 -1.07
N PRO B 115 -19.59 -21.21 -2.27
CA PRO B 115 -18.94 -22.52 -2.50
C PRO B 115 -17.42 -22.54 -2.31
N ALA B 116 -16.95 -23.50 -1.50
CA ALA B 116 -15.53 -23.65 -1.21
C ALA B 116 -14.71 -23.58 -2.50
N LEU B 117 -15.32 -24.00 -3.60
CA LEU B 117 -14.67 -23.94 -4.89
C LEU B 117 -15.50 -22.95 -5.68
N PRO B 118 -14.94 -21.79 -6.07
CA PRO B 118 -13.55 -21.34 -5.81
C PRO B 118 -13.26 -20.43 -4.61
N PHE B 119 -14.29 -19.86 -4.01
CA PHE B 119 -14.12 -18.94 -2.90
C PHE B 119 -13.24 -19.34 -1.72
N MET B 120 -12.73 -20.57 -1.71
CA MET B 120 -11.84 -21.02 -0.63
C MET B 120 -10.42 -20.79 -1.14
N LEU B 121 -10.36 -20.27 -2.36
CA LEU B 121 -9.11 -19.96 -3.03
C LEU B 121 -8.92 -18.46 -2.95
N ALA B 122 -10.03 -17.76 -2.80
CA ALA B 122 -10.04 -16.31 -2.72
C ALA B 122 -9.40 -15.79 -1.43
N GLU B 123 -8.36 -14.98 -1.57
CA GLU B 123 -7.70 -14.40 -0.42
C GLU B 123 -8.43 -13.10 -0.09
N PHE B 124 -9.44 -12.80 -0.91
CA PHE B 124 -10.26 -11.60 -0.75
C PHE B 124 -11.63 -12.02 -0.23
N ASP B 125 -12.42 -11.03 0.20
CA ASP B 125 -13.73 -11.31 0.73
C ASP B 125 -14.85 -11.17 -0.30
N GLY B 126 -14.80 -10.10 -1.09
CA GLY B 126 -15.83 -9.89 -2.09
C GLY B 126 -15.39 -9.39 -3.45
N VAL B 127 -16.35 -8.85 -4.19
CA VAL B 127 -16.10 -8.35 -5.53
C VAL B 127 -16.77 -7.01 -5.80
N VAL B 128 -16.12 -6.19 -6.61
CA VAL B 128 -16.67 -4.90 -6.99
C VAL B 128 -16.61 -4.85 -8.51
N GLY B 129 -17.77 -5.02 -9.14
CA GLY B 129 -17.84 -5.01 -10.58
C GLY B 129 -17.61 -3.65 -11.21
N MET B 130 -16.64 -3.56 -12.10
CA MET B 130 -16.34 -2.31 -12.77
C MET B 130 -16.99 -2.28 -14.15
N GLY B 131 -17.81 -3.29 -14.44
CA GLY B 131 -18.47 -3.37 -15.72
C GLY B 131 -19.65 -2.42 -15.89
N PHE B 132 -20.29 -2.46 -17.05
CA PHE B 132 -21.43 -1.60 -17.34
C PHE B 132 -22.69 -2.10 -16.66
N ILE B 133 -23.71 -1.25 -16.61
CA ILE B 133 -24.97 -1.62 -15.98
C ILE B 133 -25.67 -2.73 -16.78
N GLU B 134 -25.51 -2.71 -18.10
CA GLU B 134 -26.11 -3.73 -18.96
C GLU B 134 -25.70 -5.13 -18.52
N GLN B 135 -24.61 -5.24 -17.77
CA GLN B 135 -24.13 -6.54 -17.29
C GLN B 135 -24.47 -6.79 -15.84
N ALA B 136 -25.09 -5.80 -15.20
CA ALA B 136 -25.46 -5.92 -13.80
C ALA B 136 -26.64 -6.86 -13.61
N ILE B 137 -26.49 -7.83 -12.71
CA ILE B 137 -27.58 -8.75 -12.42
C ILE B 137 -28.46 -8.08 -11.38
N GLY B 138 -29.76 -8.05 -11.66
CA GLY B 138 -30.69 -7.40 -10.76
C GLY B 138 -30.78 -5.94 -11.14
N ARG B 139 -30.11 -5.59 -12.24
CA ARG B 139 -30.08 -4.23 -12.77
C ARG B 139 -29.71 -3.16 -11.74
N VAL B 140 -28.90 -3.55 -10.75
CA VAL B 140 -28.45 -2.64 -9.70
C VAL B 140 -27.34 -1.77 -10.28
N THR B 141 -27.47 -0.46 -10.14
CA THR B 141 -26.47 0.47 -10.66
C THR B 141 -25.05 0.15 -10.20
N PRO B 142 -24.09 0.09 -11.14
CA PRO B 142 -22.69 -0.20 -10.78
C PRO B 142 -22.13 0.93 -9.92
N ILE B 143 -21.25 0.57 -8.99
CA ILE B 143 -20.68 1.56 -8.10
C ILE B 143 -19.97 2.71 -8.81
N PHE B 144 -19.44 2.46 -10.00
CA PHE B 144 -18.76 3.52 -10.72
C PHE B 144 -19.76 4.53 -11.25
N ASP B 145 -20.85 4.03 -11.82
CA ASP B 145 -21.89 4.89 -12.37
C ASP B 145 -22.39 5.87 -11.31
N ASN B 146 -22.62 5.37 -10.10
CA ASN B 146 -23.09 6.22 -9.00
C ASN B 146 -22.03 7.23 -8.61
N ILE B 147 -20.78 6.78 -8.53
CA ILE B 147 -19.69 7.68 -8.18
C ILE B 147 -19.57 8.77 -9.24
N ILE B 148 -19.78 8.38 -10.50
CA ILE B 148 -19.69 9.33 -11.60
C ILE B 148 -20.84 10.33 -11.50
N SER B 149 -21.91 9.93 -10.84
CA SER B 149 -23.05 10.82 -10.69
C SER B 149 -22.69 12.00 -9.79
N GLN B 150 -21.90 11.74 -8.75
CA GLN B 150 -21.49 12.78 -7.82
C GLN B 150 -20.80 13.92 -8.57
N GLY B 151 -20.42 13.65 -9.82
CA GLY B 151 -19.74 14.67 -10.62
C GLY B 151 -18.51 15.23 -9.94
N VAL B 152 -17.70 14.36 -9.34
CA VAL B 152 -16.49 14.80 -8.67
C VAL B 152 -15.22 14.30 -9.36
N LEU B 153 -15.34 13.23 -10.15
CA LEU B 153 -14.19 12.68 -10.86
C LEU B 153 -13.75 13.55 -12.03
N LYS B 154 -12.45 13.76 -12.14
CA LYS B 154 -11.88 14.59 -13.20
C LYS B 154 -12.26 14.11 -14.60
N GLU B 155 -12.32 12.80 -14.78
CA GLU B 155 -12.70 12.20 -16.06
C GLU B 155 -13.51 10.93 -15.86
N ASP B 156 -14.44 10.67 -16.77
CA ASP B 156 -15.29 9.49 -16.70
C ASP B 156 -14.39 8.32 -17.12
N VAL B 157 -13.34 8.09 -16.32
CA VAL B 157 -12.35 7.06 -16.61
C VAL B 157 -11.78 6.42 -15.33
N PHE B 158 -11.22 5.23 -15.47
CA PHE B 158 -10.58 4.55 -14.35
C PHE B 158 -9.54 3.57 -14.86
N SER B 159 -8.34 3.65 -14.30
CA SER B 159 -7.23 2.80 -14.74
C SER B 159 -6.78 1.76 -13.73
N PHE B 160 -6.20 0.68 -14.26
CA PHE B 160 -5.69 -0.43 -13.45
C PHE B 160 -4.19 -0.59 -13.67
N TYR B 161 -3.51 -1.02 -12.61
CA TYR B 161 -2.08 -1.27 -12.67
C TYR B 161 -1.79 -2.49 -11.83
N TYR B 162 -1.34 -3.56 -12.47
CA TYR B 162 -0.99 -4.78 -11.76
C TYR B 162 0.53 -4.88 -11.78
N ASN B 163 1.15 -4.90 -10.62
CA ASN B 163 2.60 -5.01 -10.53
C ASN B 163 2.94 -6.48 -10.67
N ARG B 164 4.20 -6.89 -10.49
CA ARG B 164 4.48 -8.31 -10.66
C ARG B 164 5.33 -9.18 -9.72
N ASP B 165 6.36 -8.62 -9.08
CA ASP B 165 7.24 -9.38 -8.17
C ASP B 165 6.86 -10.85 -8.00
N SER B 171 6.93 -3.49 -1.79
CA SER B 171 6.66 -2.88 -3.08
C SER B 171 5.16 -2.90 -3.40
N LEU B 172 4.68 -1.85 -4.05
CA LEU B 172 3.27 -1.72 -4.42
C LEU B 172 2.72 -2.94 -5.15
N GLY B 173 1.60 -3.48 -4.67
CA GLY B 173 1.03 -4.65 -5.32
C GLY B 173 0.23 -4.30 -6.58
N GLY B 174 -0.23 -3.07 -6.65
CA GLY B 174 -1.00 -2.62 -7.79
C GLY B 174 -1.81 -1.42 -7.35
N GLN B 175 -2.35 -0.66 -8.32
CA GLN B 175 -3.14 0.52 -7.98
C GLN B 175 -4.22 0.82 -9.01
N ILE B 176 -5.42 1.12 -8.53
CA ILE B 176 -6.53 1.48 -9.39
C ILE B 176 -6.75 2.97 -9.22
N VAL B 177 -7.06 3.65 -10.31
CA VAL B 177 -7.30 5.08 -10.23
C VAL B 177 -8.67 5.39 -10.81
N LEU B 178 -9.49 6.07 -10.02
CA LEU B 178 -10.82 6.45 -10.45
C LEU B 178 -10.79 7.92 -10.88
N GLY B 179 -11.18 8.18 -12.13
CA GLY B 179 -11.19 9.53 -12.64
C GLY B 179 -9.98 9.91 -13.48
N GLY B 180 -9.01 9.01 -13.59
CA GLY B 180 -7.82 9.29 -14.37
C GLY B 180 -6.83 8.14 -14.36
N SER B 181 -5.55 8.46 -14.47
CA SER B 181 -4.49 7.46 -14.47
C SER B 181 -3.26 7.97 -13.75
N ASP B 182 -2.42 7.04 -13.30
CA ASP B 182 -1.19 7.39 -12.59
C ASP B 182 -0.01 7.21 -13.53
N PRO B 183 0.50 8.31 -14.10
CA PRO B 183 1.64 8.24 -15.02
C PRO B 183 2.90 7.61 -14.44
N GLN B 184 3.01 7.59 -13.12
CA GLN B 184 4.16 6.99 -12.45
C GLN B 184 4.32 5.53 -12.83
N HIS B 185 3.20 4.89 -13.22
CA HIS B 185 3.22 3.47 -13.54
C HIS B 185 3.16 3.05 -15.01
N TYR B 186 3.22 4.02 -15.92
CA TYR B 186 3.23 3.70 -17.35
C TYR B 186 4.09 4.73 -18.06
N GLU B 187 4.69 4.32 -19.18
CA GLU B 187 5.52 5.22 -19.96
C GLU B 187 4.96 5.43 -21.36
N GLY B 188 5.18 6.62 -21.89
CA GLY B 188 4.67 6.92 -23.21
C GLY B 188 3.23 7.33 -23.10
N ASN B 189 2.53 7.28 -24.22
CA ASN B 189 1.13 7.67 -24.26
C ASN B 189 0.22 6.50 -24.57
N PHE B 190 -1.04 6.63 -24.14
CA PHE B 190 -2.03 5.60 -24.37
C PHE B 190 -2.40 5.54 -25.85
N HIS B 191 -2.94 4.39 -26.24
CA HIS B 191 -3.42 4.17 -27.58
C HIS B 191 -4.67 3.34 -27.31
N TYR B 192 -5.79 3.81 -27.83
CA TYR B 192 -7.06 3.15 -27.56
C TYR B 192 -7.64 2.30 -28.66
N ILE B 193 -8.47 1.36 -28.23
CA ILE B 193 -9.19 0.46 -29.11
C ILE B 193 -10.64 0.68 -28.69
N ASN B 194 -11.52 0.91 -29.65
CA ASN B 194 -12.91 1.16 -29.31
C ASN B 194 -13.67 -0.12 -29.01
N LEU B 195 -14.67 -0.01 -28.16
CA LEU B 195 -15.47 -1.16 -27.77
C LEU B 195 -16.39 -1.58 -28.90
N ILE B 196 -16.48 -2.88 -29.12
CA ILE B 196 -17.33 -3.44 -30.15
C ILE B 196 -18.75 -2.91 -29.97
N LYS B 197 -19.11 -2.60 -28.73
CA LYS B 197 -20.42 -2.08 -28.39
C LYS B 197 -20.46 -1.81 -26.89
N THR B 198 -21.16 -0.76 -26.50
CA THR B 198 -21.26 -0.41 -25.09
C THR B 198 -21.88 -1.56 -24.31
N GLY B 199 -21.60 -1.62 -23.00
CA GLY B 199 -22.17 -2.68 -22.19
C GLY B 199 -21.21 -3.78 -21.76
N VAL B 200 -20.11 -3.92 -22.47
CA VAL B 200 -19.13 -4.95 -22.15
C VAL B 200 -17.74 -4.47 -22.57
N TRP B 201 -16.79 -4.53 -21.65
CA TRP B 201 -15.42 -4.12 -21.92
C TRP B 201 -14.77 -5.14 -22.85
N GLN B 202 -15.30 -5.21 -24.07
CA GLN B 202 -14.82 -6.15 -25.07
C GLN B 202 -14.43 -5.39 -26.34
N ILE B 203 -13.38 -5.86 -27.01
CA ILE B 203 -12.89 -5.22 -28.22
C ILE B 203 -12.54 -6.23 -29.30
N GLN B 204 -12.23 -5.75 -30.49
CA GLN B 204 -11.85 -6.62 -31.59
C GLN B 204 -10.37 -6.87 -31.54
N MET B 205 -9.97 -8.12 -31.78
CA MET B 205 -8.57 -8.47 -31.83
C MET B 205 -8.36 -8.92 -33.27
N LYS B 206 -7.36 -8.34 -33.93
CA LYS B 206 -7.09 -8.64 -35.32
C LYS B 206 -6.20 -9.85 -35.61
N GLY B 207 -5.79 -10.56 -34.56
CA GLY B 207 -4.96 -11.73 -34.74
C GLY B 207 -3.90 -11.90 -33.67
N VAL B 208 -3.65 -13.15 -33.31
CA VAL B 208 -2.64 -13.45 -32.29
C VAL B 208 -1.43 -14.12 -32.92
N SER B 209 -0.27 -13.52 -32.74
CA SER B 209 0.97 -14.03 -33.30
C SER B 209 1.91 -14.69 -32.31
N VAL B 210 2.49 -15.81 -32.73
CA VAL B 210 3.45 -16.53 -31.92
C VAL B 210 4.74 -16.42 -32.74
N GLY B 211 5.69 -15.67 -32.22
CA GLY B 211 6.94 -15.50 -32.94
C GLY B 211 6.72 -14.76 -34.26
N SER B 212 7.18 -15.37 -35.34
CA SER B 212 7.09 -14.79 -36.68
C SER B 212 5.70 -14.76 -37.31
N SER B 213 5.05 -15.91 -37.35
CA SER B 213 3.73 -16.04 -37.96
C SER B 213 2.54 -15.69 -37.07
N THR B 214 1.39 -15.46 -37.71
CA THR B 214 0.14 -15.16 -37.03
C THR B 214 -0.67 -16.45 -37.14
N LEU B 215 -0.45 -17.35 -36.18
CA LEU B 215 -1.12 -18.63 -36.17
C LEU B 215 -2.61 -18.58 -35.82
N LEU B 216 -2.96 -17.68 -34.91
CA LEU B 216 -4.34 -17.63 -34.44
C LEU B 216 -5.14 -16.36 -34.66
N CYS B 217 -6.46 -16.51 -34.61
CA CYS B 217 -7.36 -15.38 -34.79
C CYS B 217 -7.06 -14.64 -36.08
N GLU B 218 -6.70 -15.39 -37.12
CA GLU B 218 -6.38 -14.83 -38.42
C GLU B 218 -7.53 -14.11 -39.13
N ASP B 219 -8.76 -14.40 -38.73
CA ASP B 219 -9.92 -13.73 -39.33
C ASP B 219 -10.64 -12.87 -38.31
N GLY B 220 -9.90 -12.44 -37.29
CA GLY B 220 -10.47 -11.61 -36.24
C GLY B 220 -11.14 -12.43 -35.16
N CYS B 221 -11.24 -11.86 -33.96
CA CYS B 221 -11.85 -12.54 -32.84
C CYS B 221 -12.11 -11.54 -31.72
N LEU B 222 -12.76 -11.98 -30.64
CA LEU B 222 -13.06 -11.10 -29.54
C LEU B 222 -12.04 -11.16 -28.41
N ALA B 223 -11.88 -10.04 -27.73
CA ALA B 223 -10.95 -9.93 -26.62
C ALA B 223 -11.59 -9.14 -25.48
N LEU B 224 -11.91 -9.83 -24.40
CA LEU B 224 -12.52 -9.21 -23.22
C LEU B 224 -11.40 -8.79 -22.26
N VAL B 225 -11.31 -7.49 -21.95
CA VAL B 225 -10.29 -7.01 -21.04
C VAL B 225 -10.82 -7.18 -19.62
N ASP B 226 -10.40 -8.26 -18.98
CA ASP B 226 -10.88 -8.62 -17.65
C ASP B 226 -9.88 -8.39 -16.51
N THR B 227 -10.12 -7.37 -15.70
CA THR B 227 -9.23 -7.11 -14.58
C THR B 227 -9.41 -8.21 -13.53
N GLY B 228 -10.58 -8.83 -13.54
CA GLY B 228 -10.86 -9.89 -12.58
C GLY B 228 -10.22 -11.23 -12.91
N ALA B 229 -9.84 -11.43 -14.17
CA ALA B 229 -9.22 -12.69 -14.60
C ALA B 229 -7.73 -12.71 -14.26
N SER B 230 -7.22 -13.89 -13.93
CA SER B 230 -5.81 -14.02 -13.57
C SER B 230 -4.89 -14.14 -14.76
N TYR B 231 -5.36 -14.84 -15.79
CA TYR B 231 -4.53 -15.07 -16.96
C TYR B 231 -5.12 -14.55 -18.25
N ILE B 232 -4.38 -14.77 -19.32
CA ILE B 232 -4.83 -14.43 -20.66
C ILE B 232 -5.49 -15.75 -20.99
N SER B 233 -6.66 -15.71 -21.61
CA SER B 233 -7.34 -16.95 -21.92
C SER B 233 -7.93 -16.91 -23.30
N GLY B 234 -7.95 -18.06 -23.93
CA GLY B 234 -8.52 -18.19 -25.26
C GLY B 234 -9.34 -19.46 -25.24
N SER B 235 -10.07 -19.72 -26.32
CA SER B 235 -10.88 -20.92 -26.39
C SER B 235 -9.97 -22.13 -26.17
N THR B 236 -10.56 -23.29 -25.93
CA THR B 236 -9.78 -24.51 -25.72
C THR B 236 -9.01 -24.86 -26.97
N SER B 237 -9.63 -24.68 -28.13
CA SER B 237 -8.97 -25.00 -29.39
C SER B 237 -7.83 -24.04 -29.70
N SER B 238 -8.05 -22.75 -29.46
CA SER B 238 -7.03 -21.74 -29.72
C SER B 238 -5.81 -21.97 -28.86
N ILE B 239 -6.05 -22.33 -27.61
CA ILE B 239 -4.94 -22.58 -26.69
C ILE B 239 -4.22 -23.88 -27.00
N GLU B 240 -4.94 -24.88 -27.49
CA GLU B 240 -4.29 -26.15 -27.83
C GLU B 240 -3.29 -25.89 -28.94
N LYS B 241 -3.74 -25.17 -29.97
CA LYS B 241 -2.89 -24.83 -31.11
C LYS B 241 -1.76 -23.91 -30.66
N LEU B 242 -2.05 -23.03 -29.71
CA LEU B 242 -1.04 -22.10 -29.19
C LEU B 242 0.05 -22.83 -28.42
N MET B 243 -0.36 -23.67 -27.48
CA MET B 243 0.58 -24.41 -26.66
C MET B 243 1.40 -25.38 -27.51
N GLU B 244 0.79 -25.81 -28.61
CA GLU B 244 1.43 -26.74 -29.52
C GLU B 244 2.67 -26.07 -30.15
N ALA B 245 2.59 -24.76 -30.35
CA ALA B 245 3.68 -24.00 -30.95
C ALA B 245 4.78 -23.62 -29.95
N LEU B 246 4.47 -23.72 -28.66
CA LEU B 246 5.44 -23.38 -27.63
C LEU B 246 6.17 -24.62 -27.12
N GLY B 247 5.73 -25.78 -27.57
CA GLY B 247 6.35 -27.02 -27.13
C GLY B 247 5.82 -27.40 -25.75
N ALA B 248 5.00 -26.51 -25.19
CA ALA B 248 4.41 -26.74 -23.88
C ALA B 248 3.45 -27.93 -23.90
N LYS B 249 3.45 -28.70 -22.82
CA LYS B 249 2.59 -29.87 -22.74
C LYS B 249 1.69 -29.79 -21.51
N LYS B 250 0.63 -30.58 -21.52
CA LYS B 250 -0.32 -30.59 -20.42
C LYS B 250 0.14 -31.57 -19.33
N ARG B 251 0.47 -31.02 -18.15
CA ARG B 251 0.90 -31.83 -17.01
C ARG B 251 -0.32 -32.65 -16.65
N LEU B 252 -1.07 -32.20 -15.65
CA LEU B 252 -2.30 -32.89 -15.25
C LEU B 252 -3.43 -31.89 -15.42
N PHE B 253 -3.26 -30.73 -14.81
CA PHE B 253 -4.27 -29.68 -14.86
C PHE B 253 -3.89 -28.55 -15.83
N ASP B 254 -2.62 -28.14 -15.83
CA ASP B 254 -2.20 -27.06 -16.71
C ASP B 254 -1.04 -27.36 -17.64
N TYR B 255 -0.79 -26.42 -18.55
CA TYR B 255 0.30 -26.54 -19.51
C TYR B 255 1.59 -26.09 -18.84
N VAL B 256 2.66 -26.80 -19.14
CA VAL B 256 3.97 -26.50 -18.58
C VAL B 256 5.08 -26.69 -19.61
N VAL B 257 6.24 -26.13 -19.32
CA VAL B 257 7.41 -26.24 -20.18
C VAL B 257 8.56 -26.40 -19.21
N LYS B 258 9.66 -27.02 -19.65
CA LYS B 258 10.78 -27.16 -18.76
C LYS B 258 11.24 -25.74 -18.46
N CYS B 259 11.47 -25.44 -17.20
CA CYS B 259 11.87 -24.10 -16.80
C CYS B 259 13.07 -23.53 -17.55
N ASN B 260 14.09 -24.34 -17.77
CA ASN B 260 15.27 -23.87 -18.48
C ASN B 260 14.94 -23.49 -19.92
N GLU B 261 13.81 -24.00 -20.42
CA GLU B 261 13.38 -23.73 -21.78
C GLU B 261 12.66 -22.40 -21.99
N GLY B 262 12.00 -21.91 -20.94
CA GLY B 262 11.26 -20.66 -21.03
C GLY B 262 11.93 -19.58 -21.84
N PRO B 263 13.18 -19.21 -21.50
CA PRO B 263 13.92 -18.18 -22.21
C PRO B 263 14.06 -18.43 -23.72
N THR B 264 13.72 -19.64 -24.16
CA THR B 264 13.83 -20.00 -25.57
C THR B 264 12.48 -19.85 -26.29
N LEU B 265 11.45 -19.48 -25.53
CA LEU B 265 10.12 -19.34 -26.11
C LEU B 265 9.87 -18.03 -26.84
N PRO B 266 9.14 -18.10 -27.97
CA PRO B 266 8.81 -16.96 -28.82
C PRO B 266 7.90 -15.94 -28.14
N ASP B 267 7.92 -14.71 -28.65
CA ASP B 267 7.08 -13.67 -28.12
C ASP B 267 5.68 -13.93 -28.63
N ILE B 268 4.67 -13.46 -27.89
CA ILE B 268 3.30 -13.61 -28.32
C ILE B 268 2.75 -12.20 -28.54
N SER B 269 2.11 -11.98 -29.69
CA SER B 269 1.59 -10.67 -30.01
C SER B 269 0.10 -10.65 -30.28
N PHE B 270 -0.59 -9.72 -29.64
CA PHE B 270 -2.03 -9.57 -29.82
C PHE B 270 -2.21 -8.27 -30.59
N HIS B 271 -2.75 -8.37 -31.81
CA HIS B 271 -2.96 -7.19 -32.63
C HIS B 271 -4.27 -6.51 -32.23
N LEU B 272 -4.16 -5.36 -31.57
CA LEU B 272 -5.33 -4.62 -31.12
C LEU B 272 -5.25 -3.15 -31.53
N GLY B 273 -6.18 -2.72 -32.39
CA GLY B 273 -6.19 -1.35 -32.85
C GLY B 273 -5.03 -0.97 -33.74
N GLY B 274 -4.73 -1.82 -34.72
CA GLY B 274 -3.61 -1.52 -35.61
C GLY B 274 -2.25 -1.52 -34.96
N LYS B 275 -2.22 -1.71 -33.64
CA LYS B 275 -0.96 -1.77 -32.90
C LYS B 275 -0.76 -3.19 -32.38
N GLU B 276 0.49 -3.60 -32.18
CA GLU B 276 0.79 -4.94 -31.70
C GLU B 276 1.27 -4.92 -30.25
N TYR B 277 0.52 -5.59 -29.39
CA TYR B 277 0.86 -5.70 -27.97
C TYR B 277 1.58 -7.03 -27.78
N THR B 278 2.85 -6.94 -27.39
CA THR B 278 3.67 -8.14 -27.26
C THR B 278 4.16 -8.52 -25.88
N LEU B 279 4.08 -9.82 -25.59
CA LEU B 279 4.57 -10.36 -24.32
C LEU B 279 5.71 -11.29 -24.68
N THR B 280 6.78 -11.26 -23.87
CA THR B 280 7.92 -12.14 -24.08
C THR B 280 7.71 -13.29 -23.09
N SER B 281 8.42 -14.40 -23.28
CA SER B 281 8.26 -15.54 -22.39
C SER B 281 8.31 -15.14 -20.91
N ALA B 282 9.09 -14.11 -20.60
CA ALA B 282 9.22 -13.64 -19.23
C ALA B 282 7.87 -13.18 -18.69
N ASP B 283 7.05 -12.59 -19.56
CA ASP B 283 5.75 -12.08 -19.17
C ASP B 283 4.66 -13.15 -19.08
N TYR B 284 4.83 -14.27 -19.78
CA TYR B 284 3.79 -15.30 -19.74
C TYR B 284 4.19 -16.67 -19.18
N VAL B 285 5.45 -16.82 -18.79
CA VAL B 285 5.90 -18.07 -18.19
C VAL B 285 6.17 -17.71 -16.74
N PHE B 286 5.55 -18.42 -15.80
CA PHE B 286 5.76 -18.07 -14.41
C PHE B 286 7.22 -18.15 -13.98
N GLN B 287 7.98 -18.98 -14.67
CA GLN B 287 9.42 -19.06 -14.45
C GLN B 287 9.93 -19.01 -13.01
N GLU B 288 9.46 -19.90 -12.14
CA GLU B 288 9.95 -19.92 -10.76
C GLU B 288 11.48 -20.06 -10.84
N SER B 289 11.93 -21.19 -11.38
CA SER B 289 13.36 -21.46 -11.54
C SER B 289 13.68 -21.58 -13.02
N TYR B 290 14.97 -21.60 -13.36
CA TYR B 290 15.40 -21.73 -14.74
C TYR B 290 16.15 -23.04 -14.87
N SER B 291 15.79 -23.99 -14.01
CA SER B 291 16.39 -25.31 -13.95
C SER B 291 15.91 -26.29 -15.03
N SER B 292 16.84 -27.09 -15.53
CA SER B 292 16.55 -28.08 -16.55
C SER B 292 15.92 -29.31 -15.89
N LYS B 293 15.87 -29.31 -14.56
CA LYS B 293 15.32 -30.43 -13.81
C LYS B 293 13.91 -30.16 -13.28
N LYS B 294 13.39 -28.96 -13.56
CA LYS B 294 12.05 -28.59 -13.08
C LYS B 294 11.06 -28.28 -14.19
N LEU B 295 9.80 -28.10 -13.79
CA LEU B 295 8.72 -27.77 -14.71
C LEU B 295 8.15 -26.42 -14.32
N CYS B 296 7.74 -25.64 -15.32
CA CYS B 296 7.19 -24.31 -15.09
C CYS B 296 5.86 -24.08 -15.80
N THR B 297 4.88 -23.53 -15.07
CA THR B 297 3.54 -23.28 -15.60
C THR B 297 3.48 -21.97 -16.39
N LEU B 298 2.35 -21.76 -17.06
CA LEU B 298 2.16 -20.56 -17.86
C LEU B 298 1.02 -19.66 -17.39
N ALA B 299 1.14 -18.38 -17.70
CA ALA B 299 0.15 -17.39 -17.32
C ALA B 299 -0.94 -17.30 -18.37
N ILE B 300 -1.05 -18.36 -19.16
CA ILE B 300 -2.07 -18.43 -20.20
C ILE B 300 -2.85 -19.73 -20.03
N HIS B 301 -4.16 -19.62 -19.94
CA HIS B 301 -5.03 -20.79 -19.78
C HIS B 301 -6.10 -20.79 -20.86
N ALA B 302 -6.72 -21.95 -21.06
CA ALA B 302 -7.78 -22.07 -22.04
C ALA B 302 -9.08 -22.02 -21.28
N MET B 303 -9.92 -21.05 -21.60
CA MET B 303 -11.21 -20.95 -20.94
C MET B 303 -12.30 -20.69 -21.98
N ASP B 304 -13.20 -21.64 -22.12
CA ASP B 304 -14.29 -21.49 -23.06
C ASP B 304 -15.40 -20.70 -22.38
N ILE B 305 -15.51 -19.43 -22.79
CA ILE B 305 -16.52 -18.55 -22.24
C ILE B 305 -17.74 -18.60 -23.14
N PRO B 306 -18.92 -18.90 -22.58
CA PRO B 306 -20.20 -19.02 -23.27
C PRO B 306 -20.81 -17.73 -23.78
N PRO B 307 -21.76 -17.84 -24.72
CA PRO B 307 -22.43 -16.67 -25.28
C PRO B 307 -23.33 -16.07 -24.18
N PRO B 308 -23.83 -14.84 -24.39
CA PRO B 308 -23.58 -14.00 -25.55
C PRO B 308 -22.21 -13.32 -25.55
N THR B 309 -21.50 -13.42 -24.43
CA THR B 309 -20.19 -12.78 -24.31
C THR B 309 -19.09 -13.48 -25.13
N GLY B 310 -19.09 -14.81 -25.12
CA GLY B 310 -18.10 -15.55 -25.86
C GLY B 310 -18.68 -16.26 -27.07
N PRO B 311 -17.91 -17.08 -27.79
CA PRO B 311 -16.49 -17.39 -27.51
C PRO B 311 -15.66 -16.11 -27.59
N THR B 312 -14.72 -15.98 -26.67
CA THR B 312 -13.89 -14.79 -26.63
C THR B 312 -12.62 -15.00 -25.83
N TRP B 313 -11.61 -14.22 -26.16
CA TRP B 313 -10.35 -14.28 -25.44
C TRP B 313 -10.54 -13.38 -24.23
N ALA B 314 -9.65 -13.51 -23.26
CA ALA B 314 -9.72 -12.69 -22.07
C ALA B 314 -8.31 -12.25 -21.71
N LEU B 315 -8.13 -10.94 -21.57
CA LEU B 315 -6.84 -10.37 -21.21
C LEU B 315 -6.93 -10.02 -19.73
N GLY B 316 -6.45 -10.94 -18.88
CA GLY B 316 -6.49 -10.71 -17.45
C GLY B 316 -5.18 -10.18 -16.89
N ALA B 317 -4.88 -10.56 -15.65
CA ALA B 317 -3.67 -10.13 -14.98
C ALA B 317 -2.40 -10.22 -15.83
N THR B 318 -2.23 -11.34 -16.53
CA THR B 318 -1.05 -11.55 -17.37
C THR B 318 -0.80 -10.42 -18.37
N PHE B 319 -1.88 -9.94 -18.98
CA PHE B 319 -1.78 -8.87 -19.97
C PHE B 319 -1.66 -7.49 -19.35
N ILE B 320 -2.49 -7.22 -18.36
CA ILE B 320 -2.52 -5.93 -17.68
C ILE B 320 -1.22 -5.63 -16.95
N ARG B 321 -0.51 -6.68 -16.59
CA ARG B 321 0.74 -6.56 -15.88
C ARG B 321 1.77 -5.96 -16.85
N LYS B 322 1.59 -6.24 -18.13
CA LYS B 322 2.50 -5.73 -19.16
C LYS B 322 2.02 -4.38 -19.68
N PHE B 323 0.70 -4.19 -19.70
CA PHE B 323 0.15 -2.94 -20.21
C PHE B 323 -0.82 -2.26 -19.28
N TYR B 324 -0.39 -1.16 -18.68
CA TYR B 324 -1.22 -0.38 -17.78
C TYR B 324 -2.50 -0.09 -18.57
N THR B 325 -3.66 -0.42 -18.00
CA THR B 325 -4.93 -0.21 -18.69
C THR B 325 -5.81 0.92 -18.16
N GLU B 326 -6.47 1.61 -19.08
CA GLU B 326 -7.37 2.72 -18.76
C GLU B 326 -8.73 2.46 -19.40
N PHE B 327 -9.77 2.36 -18.57
CA PHE B 327 -11.11 2.13 -19.10
C PHE B 327 -11.83 3.47 -19.24
N ASP B 328 -12.11 3.81 -20.50
CA ASP B 328 -12.73 5.08 -20.88
C ASP B 328 -14.24 4.99 -21.08
N ARG B 329 -15.00 5.25 -20.03
CA ARG B 329 -16.45 5.21 -20.14
C ARG B 329 -16.98 6.31 -21.06
N ARG B 330 -16.37 7.49 -20.98
CA ARG B 330 -16.77 8.64 -21.80
C ARG B 330 -16.78 8.32 -23.29
N ASN B 331 -15.73 7.65 -23.75
CA ASN B 331 -15.60 7.33 -25.17
C ASN B 331 -15.79 5.85 -25.57
N ASN B 332 -16.17 5.01 -24.61
CA ASN B 332 -16.37 3.58 -24.88
C ASN B 332 -15.18 2.96 -25.58
N ARG B 333 -14.01 3.14 -24.98
CA ARG B 333 -12.75 2.61 -25.50
C ARG B 333 -11.87 2.18 -24.34
N ILE B 334 -10.80 1.47 -24.66
CA ILE B 334 -9.86 1.01 -23.66
C ILE B 334 -8.49 1.52 -24.05
N GLY B 335 -7.76 2.04 -23.07
CA GLY B 335 -6.43 2.56 -23.33
C GLY B 335 -5.33 1.68 -22.76
N PHE B 336 -4.29 1.46 -23.55
CA PHE B 336 -3.16 0.64 -23.13
C PHE B 336 -1.86 1.41 -23.25
N ALA B 337 -0.91 1.09 -22.39
CA ALA B 337 0.41 1.73 -22.40
C ALA B 337 1.33 0.81 -21.63
N LEU B 338 2.63 0.92 -21.90
CA LEU B 338 3.62 0.08 -21.23
C LEU B 338 3.68 0.38 -19.73
N ALA B 339 3.45 -0.64 -18.93
CA ALA B 339 3.47 -0.50 -17.47
C ALA B 339 4.88 -0.42 -16.90
N ARG B 340 5.04 0.23 -15.76
CA ARG B 340 6.35 0.36 -15.12
C ARG B 340 6.27 0.51 -13.60
C1 NAG C . 26.68 26.08 25.35
C2 NAG C . 27.72 26.96 26.05
C3 NAG C . 27.16 27.49 27.38
C4 NAG C . 25.83 28.20 27.15
C5 NAG C . 24.86 27.26 26.42
C6 NAG C . 23.57 27.98 26.06
C7 NAG C . 30.11 26.86 26.27
C8 NAG C . 30.78 27.08 27.61
N2 NAG C . 28.94 26.22 26.28
O3 NAG C . 28.08 28.40 27.96
O4 NAG C . 25.27 28.62 28.39
O5 NAG C . 25.44 26.80 25.17
O6 NAG C . 22.63 27.10 25.45
O7 NAG C . 30.65 27.26 25.23
C1 VYF D . 13.18 7.35 19.75
C1 VYF D . 13.19 7.37 19.86
C2 VYF D . 11.73 6.97 19.42
C2 VYF D . 11.73 7.09 19.47
N3 VYF D . 11.46 6.98 17.99
N3 VYF D . 11.51 7.15 18.03
C4 VYF D . 12.33 6.05 17.28
C4 VYF D . 12.35 6.19 17.32
C5 VYF D . 13.82 6.38 17.48
C5 VYF D . 13.84 6.45 17.57
C6 VYF D . 14.21 6.53 18.96
C6 VYF D . 14.19 6.53 19.06
N7 VYF D . 14.70 5.52 16.70
N7 VYF D . 14.71 5.57 16.79
C8 VYF D . 15.18 4.39 17.47
C8 VYF D . 15.18 4.44 17.55
C9 VYF D . 15.83 3.34 16.56
C9 VYF D . 15.80 3.39 16.63
N10 VYF D . 16.52 3.84 15.48
N10 VYF D . 16.51 3.88 15.56
C11 VYF D . 16.63 5.30 15.22
C11 VYF D . 16.66 5.33 15.32
C12 VYF D . 15.82 6.24 16.13
C12 VYF D . 15.84 6.28 16.21
O13 VYF D . 15.72 2.15 16.80
O13 VYF D . 15.67 2.19 16.85
C14 VYF D . 16.73 6.77 17.23
C14 VYF D . 16.75 6.82 17.32
C15 VYF D . 15.30 7.41 15.30
C15 VYF D . 15.33 7.45 15.37
C16 VYF D . 17.14 2.96 14.62
C16 VYF D . 17.11 2.99 14.67
C17 VYF D . 18.46 2.56 14.76
C17 VYF D . 18.42 2.56 14.81
C18 VYF D . 19.06 1.67 13.88
C18 VYF D . 18.99 1.69 13.91
C19 VYF D . 18.31 1.18 12.82
C19 VYF D . 18.22 1.21 12.85
C20 VYF D . 16.98 1.57 12.66
C20 VYF D . 16.91 1.62 12.70
C21 VYF D . 16.39 2.47 13.56
C21 VYF D . 16.34 2.52 13.62
CL1 VYF D . 19.40 3.16 16.08
CL1 VYF D . 19.38 3.15 16.11
C23 VYF D . 13.43 7.18 21.25
C23 VYF D . 13.37 7.14 21.36
O24 VYF D . 14.04 6.21 21.69
O24 VYF D . 13.91 6.13 21.80
N25 VYF D . 12.93 8.18 21.99
N25 VYF D . 12.85 8.13 22.12
C26 VYF D . 13.10 8.11 23.43
C26 VYF D . 12.97 8.01 23.56
C27 VYF D . 14.43 8.78 23.82
C27 VYF D . 14.28 8.61 24.06
C28 VYF D . 11.89 8.70 24.15
C28 VYF D . 11.73 8.62 24.23
C29 VYF D . 10.58 8.02 23.73
C29 VYF D . 10.43 7.87 23.92
C30 VYF D . 9.34 8.82 24.14
C30 VYF D . 10.60 6.36 23.81
C31 VYF D . 10.49 6.56 24.15
C31 VYF D . 9.67 8.46 22.74
C32 VYF D . 14.28 10.24 24.27
C32 VYF D . 14.60 9.98 23.44
C33 VYF D . 15.55 10.77 24.93
C33 VYF D . 13.61 11.07 23.83
C34 VYF D . 13.78 11.16 23.14
C34 VYF D . 16.05 10.40 23.67
C1 NAG E . -34.93 -2.93 -3.64
C2 NAG E . -36.29 -2.30 -3.39
C3 NAG E . -37.16 -2.43 -4.65
C4 NAG E . -36.43 -1.84 -5.86
C5 NAG E . -35.01 -2.43 -5.99
C6 NAG E . -34.17 -1.76 -7.08
C7 NAG E . -37.38 -2.19 -1.24
C8 NAG E . -38.76 -1.55 -1.38
N2 NAG E . -36.96 -2.93 -2.27
O3 NAG E . -38.40 -1.76 -4.46
O4 NAG E . -37.15 -2.12 -7.05
O5 NAG E . -34.28 -2.27 -4.74
O6 NAG E . -34.93 -1.54 -8.25
O7 NAG E . -36.72 -2.02 -0.22
C1 VYF F . -16.45 -12.72 -13.84
C1 VYF F . -16.54 -12.73 -13.89
C2 VYF F . -15.47 -12.38 -14.97
C2 VYF F . -15.56 -12.30 -14.99
N3 VYF F . -14.25 -11.76 -14.49
N3 VYF F . -14.39 -11.62 -14.46
C4 VYF F . -13.55 -12.62 -13.55
C4 VYF F . -13.67 -12.48 -13.52
C5 VYF F . -14.41 -12.94 -12.32
C5 VYF F . -14.54 -12.89 -12.34
C6 VYF F . -15.78 -13.51 -12.70
C6 VYF F . -15.86 -13.53 -12.77
N7 VYF F . -13.69 -13.69 -11.30
N7 VYF F . -13.80 -13.65 -11.32
C8 VYF F . -14.05 -15.09 -11.25
C8 VYF F . -14.15 -15.05 -11.28
C9 VYF F . -13.02 -15.87 -10.45
C9 VYF F . -13.10 -15.83 -10.51
N10 VYF F . -12.53 -15.22 -9.35
N10 VYF F . -12.60 -15.20 -9.39
C11 VYF F . -12.98 -13.86 -8.97
C11 VYF F . -13.07 -13.85 -8.98
C12 VYF F . -13.85 -13.10 -9.98
C12 VYF F . -13.94 -13.07 -10.00
O13 VYF F . -12.67 -16.99 -10.80
O13 VYF F . -12.74 -16.95 -10.87
C14 VYF F . -15.32 -13.17 -9.54
C14 VYF F . -15.41 -13.14 -9.55
C15 VYF F . -13.42 -11.63 -10.02
C15 VYF F . -13.48 -11.61 -10.02
C16 VYF F . -11.57 -15.85 -8.57
C16 VYF F . -11.63 -15.83 -8.63
C17 VYF F . -11.87 -16.50 -7.38
C17 VYF F . -11.92 -16.48 -7.43
C18 VYF F . -10.90 -17.12 -6.61
C18 VYF F . -10.94 -17.10 -6.69
C19 VYF F . -9.58 -17.08 -7.05
C19 VYF F . -9.62 -17.06 -7.14
C20 VYF F . -9.26 -16.42 -8.24
C20 VYF F . -9.32 -16.41 -8.33
C21 VYF F . -10.25 -15.81 -8.99
C21 VYF F . -10.32 -15.79 -9.07
CL1 VYF F . -13.51 -16.55 -6.83
CL1 VYF F . -13.55 -16.53 -6.85
C23 VYF F . -17.63 -13.49 -14.40
C23 VYF F . -17.68 -13.54 -14.51
O24 VYF F . -17.68 -14.71 -14.38
O24 VYF F . -17.72 -14.76 -14.44
N25 VYF F . -18.59 -12.70 -14.91
N25 VYF F . -18.59 -12.77 -15.13
C26 VYF F . -19.76 -13.33 -15.47
C26 VYF F . -19.72 -13.44 -15.76
C27 VYF F . -20.98 -13.08 -14.56
C27 VYF F . -20.97 -13.30 -14.90
C28 VYF F . -19.97 -12.87 -16.92
C28 VYF F . -19.92 -12.88 -17.18
C29 VYF F . -18.72 -13.05 -17.78
C29 VYF F . -18.95 -13.47 -18.22
C30 VYF F . -18.79 -12.27 -19.09
C30 VYF F . -18.17 -14.69 -17.72
C31 VYF F . -18.34 -14.51 -17.99
C31 VYF F . -18.05 -12.41 -18.84
C32 VYF F . -21.83 -11.88 -15.00
C32 VYF F . -21.15 -11.90 -14.30
C33 VYF F . -23.19 -11.86 -14.31
C33 VYF F . -21.46 -10.84 -15.35
C34 VYF F . -21.09 -10.55 -14.88
C34 VYF F . -22.12 -11.88 -13.12
#